data_1TN6
#
_entry.id   1TN6
#
_cell.length_a   178.474
_cell.length_b   178.474
_cell.length_c   64.697
_cell.angle_alpha   90.00
_cell.angle_beta   90.00
_cell.angle_gamma   120.00
#
_symmetry.space_group_name_H-M   'P 61'
#
loop_
_entity.id
_entity.type
_entity.pdbx_description
1 polymer 'Protein farnesyltransferase alpha subunit'
2 polymer 'Protein farnesyltransferase beta subunit'
3 polymer 'peptide derived from the C-terminus of Rap2a'
4 branched beta-D-fructofuranose-(2-1)-alpha-D-glucopyranose
5 non-polymer 'ACETIC ACID'
6 non-polymer '[(3,7,11-TRIMETHYL-DODECA-2,6,10-TRIENYLOXYCARBAMOYL)-METHYL]-PHOSPHONIC ACID'
7 non-polymer 'ZINC ION'
8 water water
#
loop_
_entity_poly.entity_id
_entity_poly.type
_entity_poly.pdbx_seq_one_letter_code
_entity_poly.pdbx_strand_id
1 'polypeptide(L)'
;MAATEGVGEAAQGGEPGQPAQPPPQPHPPPPQQQHKEEMAAEAGEAVASPMDDGFVSLDSPSYVLYRDRAEWADIDPVPQ
NDGPNPVVQIIYSDKFRDVYDYFRAVLQRDERSERAFKLTRDAIELNAANYTVWHFRRVLLKSLQKDLHEEMNYITAIIE
EQPKNYQVWHHRRVLVEWLRDPSQELEFIADILNQDAKNYHAWQHRQWVIQEFKLWDNELQYVDQLLKEDVRNNSVWNQR
YFVISNTTGYNDRAVLEREVQYTLEMIKLVPHNESAWNYLKGILQDRGLSKYPNLLNQLLDLQPSHSSPYLIAFLVDIYE
DMLENQCDNKEDILNKALELCEILAKEKDTIRKEYWRYIGRSLQSKHSTENDSPTNVQQEEF
;
A
2 'polypeptide(L)'
;MASPSSFTYYCPPSSSPVWSEPLYSLRPEHARERLQDDSVETVTSIEQAKVEEKIQEVFSSYKFNHLVPRLVLQREKHFH
YLKRGLRQLTDAYECLDASRPWLCYWILHSLELLDEPIPQIVATDVCQFLELCQSPEGGFGGGPGQYPHLAPTYAAVNAL
CIIGTEEAYDIINREKLLQYLYSLKQPDGSFLMHVGGEVDVRSAYCAASVASLTNIITPDLFEGTAEWIARCQNWEGGIG
GVPGMEAHGGYTFCGLAALVILKRERSLNLKSLLQWVTSRQMRFEGGFQGRCNKLVDGCYSFWQAGLLPLLHRALHAQGD
PALSMSHWMFHQQALQEYILMCCQCPAGGLLDKPGKSRDFYHTCYCLSGLSIAQHFGSGAMLHDVVLGVPENALQPTHPV
YNIGPDKVIQATTYFLQKPVPGFEELKDETSAEPATD
;
B
3 'polypeptide(L)' DDPTASACNIQ C
#
# COMPACT_ATOMS: atom_id res chain seq x y z
N PHE A 55 -28.28 23.68 4.51
CA PHE A 55 -29.05 24.58 5.43
C PHE A 55 -28.34 24.81 6.76
N VAL A 56 -28.25 23.76 7.57
CA VAL A 56 -27.59 23.87 8.87
C VAL A 56 -26.56 22.75 9.04
N SER A 57 -25.34 23.14 9.36
CA SER A 57 -24.23 22.20 9.57
C SER A 57 -24.25 21.52 10.93
N LEU A 58 -23.59 20.36 11.01
CA LEU A 58 -23.52 19.57 12.24
C LEU A 58 -22.92 20.32 13.43
N ASP A 59 -22.10 21.32 13.16
CA ASP A 59 -21.48 22.07 14.25
C ASP A 59 -22.11 23.45 14.45
N SER A 60 -23.16 23.74 13.69
CA SER A 60 -23.84 25.03 13.80
C SER A 60 -24.59 25.14 15.13
N PRO A 61 -24.63 26.35 15.71
CA PRO A 61 -25.33 26.53 16.99
C PRO A 61 -26.81 26.15 16.94
N SER A 62 -27.44 26.30 15.78
CA SER A 62 -28.87 25.97 15.67
C SER A 62 -29.17 24.57 15.15
N TYR A 63 -28.15 23.72 15.05
CA TYR A 63 -28.36 22.35 14.57
C TYR A 63 -29.32 21.60 15.48
N VAL A 64 -30.25 20.86 14.88
CA VAL A 64 -31.22 20.06 15.61
C VAL A 64 -31.12 18.60 15.17
N LEU A 65 -31.11 17.67 16.14
CA LEU A 65 -31.05 16.25 15.83
C LEU A 65 -32.23 15.88 14.95
N TYR A 66 -32.03 14.93 14.04
CA TYR A 66 -33.12 14.53 13.17
C TYR A 66 -34.33 13.98 13.93
N ARG A 67 -34.08 13.34 15.07
CA ARG A 67 -35.19 12.79 15.85
C ARG A 67 -36.08 13.89 16.44
N ASP A 68 -35.61 15.13 16.38
CA ASP A 68 -36.36 16.28 16.90
C ASP A 68 -36.92 17.19 15.83
N ARG A 69 -36.68 16.87 14.56
CA ARG A 69 -37.17 17.70 13.46
C ARG A 69 -38.58 17.33 13.03
N ALA A 70 -39.47 18.31 13.04
CA ALA A 70 -40.87 18.09 12.67
C ALA A 70 -41.01 17.55 11.24
N GLU A 71 -40.19 18.05 10.32
CA GLU A 71 -40.26 17.62 8.93
C GLU A 71 -39.80 16.17 8.74
N TRP A 72 -39.30 15.54 9.80
CA TRP A 72 -38.85 14.16 9.74
C TRP A 72 -39.67 13.24 10.65
N ALA A 73 -40.70 13.80 11.30
CA ALA A 73 -41.53 13.03 12.22
C ALA A 73 -42.30 11.86 11.59
N ASP A 74 -42.59 11.96 10.30
CA ASP A 74 -43.35 10.92 9.59
C ASP A 74 -42.59 9.65 9.22
N ILE A 75 -41.29 9.59 9.50
CA ILE A 75 -40.53 8.39 9.20
C ILE A 75 -39.80 7.91 10.44
N ASP A 76 -39.86 6.61 10.70
CA ASP A 76 -39.22 6.03 11.87
C ASP A 76 -37.74 5.73 11.58
N PRO A 77 -36.86 6.09 12.51
CA PRO A 77 -35.43 5.83 12.31
C PRO A 77 -35.17 4.33 12.35
N VAL A 78 -34.13 3.88 11.66
CA VAL A 78 -33.79 2.46 11.64
C VAL A 78 -32.45 2.26 12.34
N PRO A 79 -32.48 1.70 13.55
CA PRO A 79 -31.23 1.47 14.27
C PRO A 79 -30.35 0.43 13.59
N GLN A 80 -29.05 0.51 13.86
CA GLN A 80 -28.10 -0.44 13.30
C GLN A 80 -28.15 -1.69 14.15
N ASN A 81 -28.33 -2.85 13.53
CA ASN A 81 -28.34 -4.08 14.31
C ASN A 81 -26.97 -4.72 14.30
N ASP A 82 -26.24 -4.60 15.40
CA ASP A 82 -24.92 -5.17 15.52
C ASP A 82 -24.96 -6.56 16.13
N GLY A 83 -26.16 -7.02 16.45
CA GLY A 83 -26.31 -8.33 17.04
C GLY A 83 -26.38 -8.20 18.56
N PRO A 84 -26.74 -9.28 19.27
CA PRO A 84 -26.86 -9.27 20.73
C PRO A 84 -25.52 -9.16 21.47
N ASN A 85 -24.46 -9.73 20.90
CA ASN A 85 -23.14 -9.70 21.51
C ASN A 85 -22.17 -9.06 20.51
N PRO A 86 -22.19 -7.72 20.42
CA PRO A 86 -21.36 -6.91 19.53
C PRO A 86 -19.84 -7.05 19.61
N VAL A 87 -19.20 -6.89 18.46
CA VAL A 87 -17.75 -6.93 18.35
C VAL A 87 -17.36 -5.66 17.61
N VAL A 88 -16.13 -5.21 17.81
CA VAL A 88 -15.63 -3.97 17.20
C VAL A 88 -16.72 -2.90 17.21
N GLN A 89 -17.39 -2.79 18.35
CA GLN A 89 -18.48 -1.85 18.53
C GLN A 89 -17.97 -0.45 18.83
N ILE A 90 -18.31 0.48 17.94
CA ILE A 90 -17.91 1.88 18.07
C ILE A 90 -18.95 2.62 18.91
N ILE A 91 -18.48 3.29 19.95
CA ILE A 91 -19.37 4.05 20.82
C ILE A 91 -19.62 5.39 20.16
N TYR A 92 -20.60 5.42 19.25
CA TYR A 92 -20.94 6.62 18.50
C TYR A 92 -21.45 7.77 19.36
N SER A 93 -21.21 8.99 18.89
CA SER A 93 -21.70 10.16 19.59
C SER A 93 -23.20 10.16 19.29
N ASP A 94 -23.96 10.91 20.08
CA ASP A 94 -25.40 10.99 19.89
C ASP A 94 -25.72 11.53 18.49
N LYS A 95 -24.98 12.56 18.06
CA LYS A 95 -25.20 13.15 16.75
C LYS A 95 -24.91 12.20 15.60
N PHE A 96 -23.85 11.41 15.73
CA PHE A 96 -23.48 10.46 14.69
C PHE A 96 -24.57 9.41 14.52
N ARG A 97 -24.97 8.78 15.63
CA ARG A 97 -25.99 7.76 15.60
C ARG A 97 -27.33 8.29 15.07
N ASP A 98 -27.68 9.51 15.46
CA ASP A 98 -28.95 10.12 15.03
C ASP A 98 -29.00 10.23 13.49
N VAL A 99 -27.96 10.81 12.91
CA VAL A 99 -27.93 10.96 11.46
C VAL A 99 -27.99 9.60 10.75
N TYR A 100 -27.19 8.64 11.20
CA TYR A 100 -27.20 7.34 10.56
C TYR A 100 -28.44 6.50 10.76
N ASP A 101 -29.16 6.72 11.86
CA ASP A 101 -30.40 5.99 12.09
C ASP A 101 -31.41 6.44 11.03
N TYR A 102 -31.37 7.73 10.69
CA TYR A 102 -32.29 8.25 9.68
C TYR A 102 -31.78 7.92 8.28
N PHE A 103 -30.47 7.87 8.10
CA PHE A 103 -29.94 7.53 6.79
C PHE A 103 -30.39 6.10 6.47
N ARG A 104 -30.27 5.21 7.46
CA ARG A 104 -30.68 3.83 7.27
C ARG A 104 -32.16 3.75 6.92
N ALA A 105 -32.96 4.66 7.47
CA ALA A 105 -34.39 4.67 7.18
C ALA A 105 -34.67 5.08 5.74
N VAL A 106 -34.06 6.17 5.27
CA VAL A 106 -34.30 6.60 3.90
C VAL A 106 -33.73 5.60 2.90
N LEU A 107 -32.62 4.96 3.26
CA LEU A 107 -32.00 3.97 2.37
C LEU A 107 -32.91 2.75 2.25
N GLN A 108 -33.39 2.26 3.38
CA GLN A 108 -34.27 1.09 3.41
C GLN A 108 -35.55 1.35 2.63
N ARG A 109 -36.05 2.58 2.70
CA ARG A 109 -37.27 2.97 2.00
C ARG A 109 -36.97 3.42 0.57
N ASP A 110 -35.69 3.62 0.28
CA ASP A 110 -35.26 4.09 -1.03
C ASP A 110 -36.05 5.37 -1.35
N GLU A 111 -36.03 6.29 -0.40
CA GLU A 111 -36.73 7.56 -0.55
C GLU A 111 -35.86 8.55 -1.32
N ARG A 112 -36.26 8.85 -2.55
CA ARG A 112 -35.54 9.79 -3.40
C ARG A 112 -36.14 11.17 -3.17
N SER A 113 -35.78 11.79 -2.04
CA SER A 113 -36.32 13.09 -1.70
C SER A 113 -35.26 14.15 -1.43
N GLU A 114 -35.71 15.41 -1.42
CA GLU A 114 -34.82 16.51 -1.14
C GLU A 114 -34.33 16.42 0.30
N ARG A 115 -35.19 15.96 1.21
CA ARG A 115 -34.76 15.86 2.61
C ARG A 115 -33.70 14.77 2.73
N ALA A 116 -33.85 13.70 1.97
CA ALA A 116 -32.87 12.61 2.01
C ALA A 116 -31.54 13.14 1.45
N PHE A 117 -31.63 13.96 0.41
CA PHE A 117 -30.44 14.52 -0.21
C PHE A 117 -29.68 15.40 0.78
N LYS A 118 -30.38 16.26 1.50
CA LYS A 118 -29.71 17.11 2.47
C LYS A 118 -29.12 16.27 3.61
N LEU A 119 -29.80 15.19 3.96
CA LEU A 119 -29.32 14.30 5.02
C LEU A 119 -27.97 13.69 4.67
N THR A 120 -27.77 13.32 3.41
CA THR A 120 -26.49 12.72 3.03
C THR A 120 -25.34 13.67 3.30
N ARG A 121 -25.58 14.98 3.19
CA ARG A 121 -24.52 15.95 3.45
C ARG A 121 -24.02 15.84 4.89
N ASP A 122 -24.93 15.63 5.83
CA ASP A 122 -24.53 15.49 7.23
C ASP A 122 -23.89 14.12 7.47
N ALA A 123 -24.40 13.10 6.80
CA ALA A 123 -23.83 11.76 6.95
C ALA A 123 -22.38 11.80 6.46
N ILE A 124 -22.15 12.53 5.37
CA ILE A 124 -20.81 12.66 4.82
C ILE A 124 -19.88 13.43 5.76
N GLU A 125 -20.40 14.48 6.40
CA GLU A 125 -19.56 15.25 7.32
C GLU A 125 -19.10 14.35 8.47
N LEU A 126 -20.01 13.47 8.93
CA LEU A 126 -19.71 12.56 10.03
C LEU A 126 -18.71 11.46 9.65
N ASN A 127 -18.83 10.96 8.42
CA ASN A 127 -17.90 9.93 7.93
C ASN A 127 -17.84 9.99 6.41
N ALA A 128 -16.91 10.78 5.89
CA ALA A 128 -16.78 10.93 4.44
C ALA A 128 -16.31 9.65 3.74
N ALA A 129 -15.89 8.66 4.51
CA ALA A 129 -15.44 7.40 3.92
C ALA A 129 -16.59 6.40 3.76
N ASN A 130 -17.80 6.81 4.13
CA ASN A 130 -18.93 5.89 3.97
C ASN A 130 -19.37 5.93 2.50
N TYR A 131 -18.88 4.95 1.75
CA TYR A 131 -19.16 4.85 0.32
C TYR A 131 -20.62 4.57 -0.02
N THR A 132 -21.37 3.99 0.92
CA THR A 132 -22.78 3.71 0.70
C THR A 132 -23.53 5.03 0.62
N VAL A 133 -23.18 5.96 1.51
CA VAL A 133 -23.83 7.28 1.51
C VAL A 133 -23.53 8.00 0.20
N TRP A 134 -22.28 7.98 -0.23
CA TRP A 134 -21.91 8.63 -1.48
C TRP A 134 -22.69 8.07 -2.67
N HIS A 135 -22.82 6.74 -2.71
CA HIS A 135 -23.55 6.08 -3.79
C HIS A 135 -24.99 6.55 -3.82
N PHE A 136 -25.62 6.58 -2.65
CA PHE A 136 -27.00 7.02 -2.56
C PHE A 136 -27.12 8.49 -2.96
N ARG A 137 -26.15 9.32 -2.55
CA ARG A 137 -26.20 10.73 -2.90
C ARG A 137 -26.16 10.88 -4.43
N ARG A 138 -25.40 10.02 -5.10
CA ARG A 138 -25.34 10.11 -6.56
C ARG A 138 -26.68 9.67 -7.17
N VAL A 139 -27.34 8.69 -6.57
CA VAL A 139 -28.64 8.23 -7.05
C VAL A 139 -29.63 9.40 -6.95
N LEU A 140 -29.53 10.15 -5.85
CA LEU A 140 -30.40 11.29 -5.63
C LEU A 140 -30.10 12.44 -6.60
N LEU A 141 -28.81 12.65 -6.88
CA LEU A 141 -28.43 13.72 -7.80
C LEU A 141 -29.13 13.54 -9.14
N LYS A 142 -29.18 12.30 -9.62
CA LYS A 142 -29.82 11.99 -10.89
C LYS A 142 -31.34 12.04 -10.76
N SER A 143 -31.87 11.33 -9.77
CA SER A 143 -33.30 11.26 -9.54
C SER A 143 -33.96 12.63 -9.34
N LEU A 144 -33.29 13.53 -8.63
CA LEU A 144 -33.80 14.87 -8.36
C LEU A 144 -33.36 15.91 -9.38
N GLN A 145 -32.55 15.47 -10.34
CA GLN A 145 -32.04 16.37 -11.38
C GLN A 145 -31.37 17.60 -10.76
N LYS A 146 -30.49 17.35 -9.79
CA LYS A 146 -29.79 18.42 -9.09
C LYS A 146 -28.77 19.13 -9.99
N ASP A 147 -28.56 20.42 -9.73
CA ASP A 147 -27.60 21.22 -10.48
C ASP A 147 -26.22 20.61 -10.23
N LEU A 148 -25.61 20.02 -11.26
CA LEU A 148 -24.31 19.39 -11.08
C LEU A 148 -23.17 20.38 -10.86
N HIS A 149 -23.34 21.62 -11.29
CA HIS A 149 -22.29 22.62 -11.08
C HIS A 149 -22.28 23.00 -9.60
N GLU A 150 -23.45 22.99 -8.97
CA GLU A 150 -23.49 23.31 -7.55
C GLU A 150 -22.84 22.16 -6.80
N GLU A 151 -23.06 20.94 -7.28
CA GLU A 151 -22.47 19.76 -6.65
C GLU A 151 -20.94 19.81 -6.80
N MET A 152 -20.47 20.36 -7.91
CA MET A 152 -19.03 20.49 -8.13
C MET A 152 -18.44 21.45 -7.11
N ASN A 153 -19.16 22.51 -6.78
CA ASN A 153 -18.67 23.45 -5.78
C ASN A 153 -18.64 22.75 -4.43
N TYR A 154 -19.58 21.86 -4.21
CA TYR A 154 -19.64 21.12 -2.96
C TYR A 154 -18.45 20.16 -2.84
N ILE A 155 -18.24 19.32 -3.85
CA ILE A 155 -17.13 18.36 -3.78
C ILE A 155 -15.78 19.06 -3.70
N THR A 156 -15.68 20.25 -4.28
CA THR A 156 -14.44 21.03 -4.24
C THR A 156 -14.11 21.34 -2.78
N ALA A 157 -15.10 21.81 -2.03
CA ALA A 157 -14.88 22.14 -0.64
C ALA A 157 -14.59 20.90 0.19
N ILE A 158 -15.29 19.80 -0.12
CA ILE A 158 -15.09 18.56 0.63
C ILE A 158 -13.68 18.00 0.45
N ILE A 159 -13.20 17.97 -0.78
CA ILE A 159 -11.86 17.45 -1.05
C ILE A 159 -10.80 18.32 -0.39
N GLU A 160 -11.00 19.64 -0.40
CA GLU A 160 -10.05 20.55 0.23
C GLU A 160 -9.88 20.16 1.70
N GLU A 161 -10.97 19.75 2.34
CA GLU A 161 -10.94 19.35 3.75
C GLU A 161 -10.41 17.94 3.99
N GLN A 162 -10.75 17.02 3.08
CA GLN A 162 -10.30 15.64 3.21
C GLN A 162 -9.72 15.12 1.89
N PRO A 163 -8.53 15.62 1.52
CA PRO A 163 -7.86 15.23 0.27
C PRO A 163 -7.30 13.81 0.13
N LYS A 164 -7.23 13.05 1.22
CA LYS A 164 -6.69 11.68 1.12
C LYS A 164 -7.78 10.62 1.18
N ASN A 165 -8.99 10.99 0.79
CA ASN A 165 -10.15 10.10 0.83
C ASN A 165 -10.48 9.58 -0.58
N TYR A 166 -10.71 8.27 -0.72
CA TYR A 166 -11.01 7.68 -2.03
C TYR A 166 -12.37 8.09 -2.60
N GLN A 167 -13.38 8.10 -1.74
CA GLN A 167 -14.74 8.42 -2.17
C GLN A 167 -14.93 9.81 -2.76
N VAL A 168 -14.29 10.81 -2.17
CA VAL A 168 -14.46 12.18 -2.64
C VAL A 168 -13.87 12.40 -4.03
N TRP A 169 -12.72 11.79 -4.28
CA TRP A 169 -12.11 11.95 -5.59
C TRP A 169 -12.94 11.20 -6.64
N HIS A 170 -13.47 10.03 -6.29
CA HIS A 170 -14.27 9.29 -7.26
C HIS A 170 -15.57 10.04 -7.57
N HIS A 171 -16.14 10.67 -6.54
CA HIS A 171 -17.38 11.43 -6.72
C HIS A 171 -17.11 12.56 -7.73
N ARG A 172 -15.99 13.24 -7.56
CA ARG A 172 -15.63 14.35 -8.45
C ARG A 172 -15.47 13.84 -9.88
N ARG A 173 -14.80 12.70 -10.04
CA ARG A 173 -14.61 12.13 -11.37
C ARG A 173 -15.96 11.84 -12.01
N VAL A 174 -16.89 11.28 -11.24
CA VAL A 174 -18.21 10.98 -11.80
C VAL A 174 -18.90 12.26 -12.29
N LEU A 175 -18.81 13.33 -11.51
CA LEU A 175 -19.43 14.61 -11.90
C LEU A 175 -18.81 15.14 -13.19
N VAL A 176 -17.49 15.08 -13.28
CA VAL A 176 -16.80 15.55 -14.47
C VAL A 176 -17.22 14.70 -15.67
N GLU A 177 -17.39 13.41 -15.45
CA GLU A 177 -17.83 12.51 -16.51
C GLU A 177 -19.26 12.85 -16.92
N TRP A 178 -20.12 13.10 -15.95
CA TRP A 178 -21.52 13.45 -16.24
C TRP A 178 -21.63 14.76 -16.99
N LEU A 179 -20.83 15.73 -16.60
CA LEU A 179 -20.85 17.05 -17.23
C LEU A 179 -19.99 17.12 -18.48
N ARG A 180 -19.04 16.21 -18.63
CA ARG A 180 -18.14 16.23 -19.77
C ARG A 180 -17.47 17.60 -19.75
N ASP A 181 -17.23 18.12 -18.54
CA ASP A 181 -16.62 19.43 -18.36
C ASP A 181 -15.40 19.39 -17.45
N PRO A 182 -14.18 19.43 -18.03
CA PRO A 182 -12.91 19.40 -17.29
C PRO A 182 -12.32 20.75 -17.03
N SER A 183 -13.02 21.81 -17.42
CA SER A 183 -12.50 23.16 -17.31
C SER A 183 -11.93 23.63 -15.98
N GLN A 184 -12.41 23.07 -14.87
CA GLN A 184 -11.94 23.49 -13.55
C GLN A 184 -10.90 22.56 -12.94
N GLU A 185 -10.73 21.39 -13.54
CA GLU A 185 -9.83 20.37 -13.01
C GLU A 185 -8.35 20.68 -12.79
N LEU A 186 -7.63 21.08 -13.83
CA LEU A 186 -6.20 21.33 -13.64
C LEU A 186 -5.90 22.40 -12.60
N GLU A 187 -6.72 23.44 -12.53
CA GLU A 187 -6.51 24.50 -11.54
C GLU A 187 -6.84 23.99 -10.13
N PHE A 188 -7.94 23.25 -10.01
CA PHE A 188 -8.34 22.72 -8.71
C PHE A 188 -7.28 21.77 -8.18
N ILE A 189 -6.86 20.84 -9.01
CA ILE A 189 -5.84 19.87 -8.61
C ILE A 189 -4.54 20.59 -8.23
N ALA A 190 -4.18 21.61 -8.99
CA ALA A 190 -2.97 22.37 -8.71
C ALA A 190 -3.03 22.97 -7.30
N ASP A 191 -4.23 23.37 -6.87
CA ASP A 191 -4.36 23.94 -5.54
C ASP A 191 -4.16 22.87 -4.47
N ILE A 192 -4.69 21.67 -4.73
CA ILE A 192 -4.53 20.57 -3.79
C ILE A 192 -3.04 20.22 -3.69
N LEU A 193 -2.37 20.15 -4.83
CA LEU A 193 -0.95 19.82 -4.87
C LEU A 193 -0.07 20.91 -4.26
N ASN A 194 -0.61 22.11 -4.16
CA ASN A 194 0.15 23.22 -3.58
C ASN A 194 0.22 23.00 -2.06
N GLN A 195 -0.74 22.26 -1.52
CA GLN A 195 -0.80 21.96 -0.09
C GLN A 195 -0.05 20.65 0.24
N ASP A 196 -0.11 19.68 -0.67
CA ASP A 196 0.59 18.39 -0.51
C ASP A 196 0.97 17.98 -1.93
N ALA A 197 2.20 18.29 -2.31
CA ALA A 197 2.70 18.01 -3.65
C ALA A 197 2.80 16.55 -4.04
N LYS A 198 2.55 15.65 -3.08
CA LYS A 198 2.65 14.23 -3.34
C LYS A 198 1.34 13.47 -3.13
N ASN A 199 0.24 14.22 -3.04
CA ASN A 199 -1.07 13.57 -2.85
C ASN A 199 -1.32 12.60 -4.01
N TYR A 200 -1.34 11.31 -3.70
CA TYR A 200 -1.52 10.27 -4.70
C TYR A 200 -2.85 10.37 -5.45
N HIS A 201 -3.93 10.58 -4.72
CA HIS A 201 -5.26 10.70 -5.33
C HIS A 201 -5.33 11.88 -6.29
N ALA A 202 -4.69 12.99 -5.91
CA ALA A 202 -4.70 14.17 -6.75
C ALA A 202 -3.96 13.90 -8.06
N TRP A 203 -2.78 13.29 -7.98
CA TRP A 203 -2.04 12.99 -9.19
C TRP A 203 -2.79 12.00 -10.07
N GLN A 204 -3.46 11.03 -9.46
CA GLN A 204 -4.21 10.03 -10.22
C GLN A 204 -5.39 10.68 -10.95
N HIS A 205 -6.07 11.59 -10.28
CA HIS A 205 -7.20 12.27 -10.88
C HIS A 205 -6.69 13.16 -12.02
N ARG A 206 -5.53 13.76 -11.81
CA ARG A 206 -4.92 14.63 -12.81
C ARG A 206 -4.57 13.86 -14.06
N GLN A 207 -4.02 12.65 -13.90
CA GLN A 207 -3.68 11.84 -15.07
C GLN A 207 -4.93 11.44 -15.82
N TRP A 208 -5.99 11.11 -15.08
CA TRP A 208 -7.25 10.72 -15.71
C TRP A 208 -7.82 11.86 -16.56
N VAL A 209 -7.92 13.04 -15.97
CA VAL A 209 -8.45 14.19 -16.67
C VAL A 209 -7.66 14.51 -17.94
N ILE A 210 -6.34 14.56 -17.81
CA ILE A 210 -5.49 14.87 -18.94
C ILE A 210 -5.65 13.86 -20.08
N GLN A 211 -5.67 12.58 -19.74
CA GLN A 211 -5.80 11.56 -20.75
C GLN A 211 -7.20 11.48 -21.37
N GLU A 212 -8.24 11.57 -20.54
CA GLU A 212 -9.61 11.50 -21.02
C GLU A 212 -10.03 12.70 -21.86
N PHE A 213 -9.56 13.88 -21.51
CA PHE A 213 -9.94 15.08 -22.24
C PHE A 213 -8.80 15.68 -23.07
N LYS A 214 -7.72 14.93 -23.22
CA LYS A 214 -6.57 15.33 -24.01
C LYS A 214 -6.02 16.72 -23.67
N LEU A 215 -5.75 16.96 -22.39
CA LEU A 215 -5.22 18.24 -21.94
C LEU A 215 -3.72 18.16 -21.66
N TRP A 216 -2.95 17.77 -22.67
CA TRP A 216 -1.49 17.61 -22.55
C TRP A 216 -0.63 18.86 -22.71
N ASP A 217 -1.11 19.81 -23.50
CA ASP A 217 -0.39 21.04 -23.82
C ASP A 217 0.47 21.78 -22.79
N ASN A 218 0.02 21.87 -21.54
CA ASN A 218 0.79 22.62 -20.56
C ASN A 218 1.31 21.79 -19.39
N GLU A 219 1.19 20.47 -19.45
CA GLU A 219 1.63 19.66 -18.33
C GLU A 219 3.13 19.55 -18.13
N LEU A 220 3.91 19.52 -19.21
CA LEU A 220 5.36 19.44 -19.04
C LEU A 220 5.85 20.72 -18.36
N GLN A 221 5.23 21.85 -18.69
CA GLN A 221 5.61 23.12 -18.07
C GLN A 221 5.26 23.05 -16.58
N TYR A 222 4.14 22.41 -16.25
CA TYR A 222 3.71 22.28 -14.86
C TYR A 222 4.73 21.39 -14.13
N VAL A 223 5.13 20.31 -14.78
CA VAL A 223 6.11 19.38 -14.23
C VAL A 223 7.41 20.14 -13.94
N ASP A 224 7.88 20.91 -14.91
CA ASP A 224 9.11 21.66 -14.71
C ASP A 224 9.04 22.62 -13.53
N GLN A 225 7.89 23.26 -13.32
CA GLN A 225 7.77 24.19 -12.21
C GLN A 225 7.85 23.46 -10.86
N LEU A 226 7.16 22.32 -10.76
CA LEU A 226 7.18 21.57 -9.52
C LEU A 226 8.55 20.94 -9.24
N LEU A 227 9.30 20.60 -10.29
CA LEU A 227 10.63 20.04 -10.09
C LEU A 227 11.59 21.13 -9.62
N LYS A 228 11.29 22.38 -9.99
CA LYS A 228 12.11 23.50 -9.55
C LYS A 228 11.88 23.69 -8.06
N GLU A 229 10.64 23.52 -7.63
CA GLU A 229 10.28 23.67 -6.22
C GLU A 229 10.88 22.56 -5.35
N ASP A 230 10.80 21.32 -5.83
CA ASP A 230 11.37 20.19 -5.10
C ASP A 230 11.75 19.12 -6.11
N VAL A 231 13.02 19.10 -6.47
CA VAL A 231 13.54 18.14 -7.43
C VAL A 231 13.51 16.71 -6.91
N ARG A 232 13.24 16.55 -5.62
CA ARG A 232 13.15 15.22 -5.02
C ARG A 232 11.72 14.69 -5.02
N ASN A 233 10.78 15.42 -5.63
CA ASN A 233 9.40 14.97 -5.66
C ASN A 233 9.19 13.86 -6.68
N ASN A 234 9.22 12.62 -6.21
CA ASN A 234 9.07 11.47 -7.09
C ASN A 234 7.76 11.46 -7.87
N SER A 235 6.69 12.02 -7.30
CA SER A 235 5.40 12.06 -8.01
C SER A 235 5.51 12.90 -9.26
N VAL A 236 6.38 13.90 -9.23
CA VAL A 236 6.56 14.78 -10.36
C VAL A 236 7.41 14.13 -11.46
N TRP A 237 8.43 13.37 -11.06
CA TRP A 237 9.24 12.67 -12.06
C TRP A 237 8.33 11.64 -12.74
N ASN A 238 7.41 11.06 -11.97
CA ASN A 238 6.50 10.09 -12.56
C ASN A 238 5.59 10.80 -13.56
N GLN A 239 5.14 12.00 -13.22
CA GLN A 239 4.28 12.75 -14.12
C GLN A 239 5.06 13.13 -15.39
N ARG A 240 6.37 13.35 -15.23
CA ARG A 240 7.20 13.69 -16.37
C ARG A 240 7.18 12.54 -17.37
N TYR A 241 7.39 11.32 -16.88
CA TYR A 241 7.37 10.14 -17.74
C TYR A 241 5.99 9.99 -18.37
N PHE A 242 4.96 10.20 -17.55
CA PHE A 242 3.59 10.09 -18.01
C PHE A 242 3.33 11.03 -19.20
N VAL A 243 3.73 12.28 -19.06
CA VAL A 243 3.52 13.27 -20.13
C VAL A 243 4.29 12.94 -21.41
N ILE A 244 5.58 12.66 -21.28
CA ILE A 244 6.39 12.38 -22.47
C ILE A 244 6.01 11.10 -23.21
N SER A 245 5.82 10.01 -22.48
CA SER A 245 5.47 8.74 -23.12
C SER A 245 4.14 8.85 -23.88
N ASN A 246 3.26 9.73 -23.43
CA ASN A 246 1.95 9.88 -24.06
C ASN A 246 1.84 10.99 -25.11
N THR A 247 2.90 11.77 -25.28
CA THR A 247 2.89 12.84 -26.27
C THR A 247 3.88 12.51 -27.38
N THR A 248 5.14 12.89 -27.21
CA THR A 248 6.17 12.62 -28.23
C THR A 248 6.68 11.18 -28.18
N GLY A 249 6.72 10.62 -26.98
CA GLY A 249 7.24 9.28 -26.82
C GLY A 249 8.73 9.44 -26.61
N TYR A 250 9.44 8.36 -26.29
CA TYR A 250 10.88 8.43 -26.06
C TYR A 250 11.71 7.87 -27.22
N ASN A 251 11.05 7.45 -28.29
CA ASN A 251 11.77 6.91 -29.45
C ASN A 251 12.41 8.01 -30.28
N ASP A 252 11.88 9.22 -30.18
CA ASP A 252 12.43 10.36 -30.89
C ASP A 252 13.78 10.59 -30.19
N ARG A 253 14.88 10.36 -30.90
CA ARG A 253 16.20 10.51 -30.29
C ARG A 253 16.52 11.92 -29.79
N ALA A 254 15.89 12.93 -30.38
CA ALA A 254 16.12 14.30 -29.93
C ALA A 254 15.47 14.45 -28.55
N VAL A 255 14.29 13.87 -28.39
CA VAL A 255 13.58 13.94 -27.12
C VAL A 255 14.36 13.18 -26.06
N LEU A 256 14.81 11.97 -26.38
CA LEU A 256 15.57 11.17 -25.43
C LEU A 256 16.84 11.90 -24.98
N GLU A 257 17.57 12.50 -25.92
CA GLU A 257 18.79 13.20 -25.58
C GLU A 257 18.49 14.39 -24.64
N ARG A 258 17.40 15.10 -24.93
CA ARG A 258 17.01 16.23 -24.09
C ARG A 258 16.74 15.76 -22.66
N GLU A 259 16.05 14.63 -22.55
CA GLU A 259 15.72 14.07 -21.25
C GLU A 259 16.93 13.55 -20.49
N VAL A 260 17.83 12.88 -21.19
CA VAL A 260 19.03 12.36 -20.56
C VAL A 260 19.89 13.54 -20.07
N GLN A 261 19.99 14.58 -20.88
CA GLN A 261 20.78 15.76 -20.51
C GLN A 261 20.17 16.45 -19.29
N TYR A 262 18.85 16.64 -19.33
CA TYR A 262 18.16 17.28 -18.21
C TYR A 262 18.38 16.51 -16.92
N THR A 263 18.18 15.21 -16.98
CA THR A 263 18.34 14.36 -15.81
C THR A 263 19.77 14.37 -15.28
N LEU A 264 20.76 14.29 -16.18
CA LEU A 264 22.15 14.31 -15.74
C LEU A 264 22.48 15.64 -15.07
N GLU A 265 21.87 16.71 -15.55
CA GLU A 265 22.10 18.02 -14.95
C GLU A 265 21.53 18.06 -13.53
N MET A 266 20.36 17.43 -13.34
CA MET A 266 19.74 17.40 -12.01
C MET A 266 20.57 16.56 -11.06
N ILE A 267 21.16 15.49 -11.58
CA ILE A 267 22.00 14.61 -10.78
C ILE A 267 23.25 15.35 -10.32
N LYS A 268 23.86 16.11 -11.22
CA LYS A 268 25.06 16.86 -10.84
C LYS A 268 24.73 17.90 -9.77
N LEU A 269 23.54 18.47 -9.84
CA LEU A 269 23.11 19.47 -8.86
C LEU A 269 22.82 18.84 -7.49
N VAL A 270 22.16 17.68 -7.51
CA VAL A 270 21.79 16.96 -6.29
C VAL A 270 22.13 15.48 -6.49
N PRO A 271 23.41 15.11 -6.38
CA PRO A 271 23.95 13.76 -6.55
C PRO A 271 23.30 12.62 -5.76
N HIS A 272 22.72 12.93 -4.60
CA HIS A 272 22.10 11.88 -3.79
C HIS A 272 20.58 11.83 -3.89
N ASN A 273 20.01 12.51 -4.88
CA ASN A 273 18.56 12.49 -5.08
C ASN A 273 18.25 11.24 -5.90
N GLU A 274 17.67 10.23 -5.25
CA GLU A 274 17.37 8.98 -5.92
C GLU A 274 16.38 9.06 -7.09
N SER A 275 15.41 9.96 -7.01
CA SER A 275 14.42 10.08 -8.08
C SER A 275 15.01 10.32 -9.46
N ALA A 276 16.00 11.21 -9.56
CA ALA A 276 16.62 11.51 -10.85
C ALA A 276 17.36 10.27 -11.37
N TRP A 277 18.08 9.60 -10.48
CA TRP A 277 18.78 8.38 -10.88
C TRP A 277 17.79 7.33 -11.39
N ASN A 278 16.66 7.19 -10.71
CA ASN A 278 15.66 6.20 -11.11
C ASN A 278 15.03 6.56 -12.45
N TYR A 279 14.86 7.85 -12.71
CA TYR A 279 14.27 8.29 -13.98
C TYR A 279 15.26 8.02 -15.11
N LEU A 280 16.55 8.28 -14.85
CA LEU A 280 17.57 8.04 -15.86
C LEU A 280 17.54 6.58 -16.28
N LYS A 281 17.49 5.68 -15.31
CA LYS A 281 17.44 4.26 -15.61
C LYS A 281 16.13 3.93 -16.30
N GLY A 282 15.05 4.52 -15.78
CA GLY A 282 13.73 4.28 -16.34
C GLY A 282 13.57 4.57 -17.82
N ILE A 283 14.13 5.67 -18.29
CA ILE A 283 13.98 6.00 -19.71
C ILE A 283 14.95 5.30 -20.64
N LEU A 284 15.92 4.57 -20.08
CA LEU A 284 16.91 3.86 -20.88
C LEU A 284 16.87 2.33 -20.77
N GLN A 285 16.28 1.83 -19.69
CA GLN A 285 16.23 0.40 -19.43
C GLN A 285 15.61 -0.53 -20.47
N ASP A 286 14.54 -0.11 -21.13
CA ASP A 286 13.93 -1.04 -22.07
C ASP A 286 14.75 -1.31 -23.32
N ARG A 287 15.47 -0.31 -23.82
CA ARG A 287 16.32 -0.51 -24.98
C ARG A 287 17.57 -1.25 -24.49
N GLY A 288 17.93 -1.00 -23.24
CA GLY A 288 19.10 -1.64 -22.66
C GLY A 288 20.16 -0.61 -22.32
N LEU A 289 20.58 -0.59 -21.04
CA LEU A 289 21.57 0.36 -20.60
C LEU A 289 22.90 0.25 -21.35
N SER A 290 23.21 -0.93 -21.85
CA SER A 290 24.47 -1.11 -22.57
C SER A 290 24.45 -0.53 -23.98
N LYS A 291 23.28 -0.08 -24.42
CA LYS A 291 23.15 0.51 -25.76
C LYS A 291 23.61 1.97 -25.77
N TYR A 292 23.99 2.50 -24.61
CA TYR A 292 24.42 3.88 -24.49
C TYR A 292 25.86 3.97 -23.96
N PRO A 293 26.84 3.62 -24.80
CA PRO A 293 28.26 3.64 -24.44
C PRO A 293 28.82 4.93 -23.84
N ASN A 294 28.38 6.08 -24.31
CA ASN A 294 28.88 7.32 -23.75
C ASN A 294 28.47 7.55 -22.31
N LEU A 295 27.30 7.04 -21.93
CA LEU A 295 26.82 7.20 -20.56
C LEU A 295 27.77 6.53 -19.57
N LEU A 296 28.25 5.34 -19.92
CA LEU A 296 29.16 4.61 -19.06
C LEU A 296 30.41 5.45 -18.79
N ASN A 297 31.00 6.00 -19.84
CA ASN A 297 32.20 6.81 -19.70
C ASN A 297 31.98 8.03 -18.82
N GLN A 298 30.86 8.73 -19.04
CA GLN A 298 30.57 9.90 -18.23
C GLN A 298 30.41 9.56 -16.76
N LEU A 299 29.71 8.47 -16.47
CA LEU A 299 29.52 8.06 -15.09
C LEU A 299 30.85 7.63 -14.47
N LEU A 300 31.68 6.99 -15.28
CA LEU A 300 33.00 6.54 -14.83
C LEU A 300 33.90 7.72 -14.47
N ASP A 301 33.70 8.85 -15.13
CA ASP A 301 34.50 10.04 -14.85
C ASP A 301 34.04 10.74 -13.58
N LEU A 302 32.75 10.63 -13.30
CA LEU A 302 32.16 11.27 -12.12
C LEU A 302 32.28 10.41 -10.87
N GLN A 303 32.69 9.17 -11.05
CA GLN A 303 32.81 8.23 -9.93
C GLN A 303 33.81 8.66 -8.85
N PRO A 304 35.04 9.05 -9.25
CA PRO A 304 36.06 9.47 -8.29
C PRO A 304 35.65 10.64 -7.38
N SER A 305 34.67 11.43 -7.81
CA SER A 305 34.23 12.57 -7.02
C SER A 305 32.78 12.44 -6.52
N HIS A 306 32.04 11.48 -7.09
CA HIS A 306 30.65 11.26 -6.69
C HIS A 306 30.39 9.76 -6.57
N SER A 307 31.22 9.06 -5.79
CA SER A 307 31.06 7.63 -5.61
C SER A 307 29.91 7.30 -4.67
N SER A 308 28.70 7.70 -5.08
CA SER A 308 27.49 7.45 -4.29
C SER A 308 27.00 6.04 -4.58
N PRO A 309 26.14 5.50 -3.70
CA PRO A 309 25.65 4.15 -3.98
C PRO A 309 24.81 4.12 -5.24
N TYR A 310 24.20 5.25 -5.58
CA TYR A 310 23.36 5.31 -6.79
C TYR A 310 24.19 5.20 -8.04
N LEU A 311 25.32 5.89 -8.08
CA LEU A 311 26.19 5.84 -9.25
C LEU A 311 26.79 4.45 -9.39
N ILE A 312 27.28 3.90 -8.29
CA ILE A 312 27.87 2.56 -8.29
C ILE A 312 26.87 1.49 -8.71
N ALA A 313 25.65 1.60 -8.21
CA ALA A 313 24.60 0.64 -8.57
C ALA A 313 24.27 0.79 -10.05
N PHE A 314 24.28 2.03 -10.54
CA PHE A 314 23.97 2.26 -11.95
C PHE A 314 25.04 1.58 -12.82
N LEU A 315 26.30 1.63 -12.38
CA LEU A 315 27.37 0.99 -13.14
C LEU A 315 27.14 -0.52 -13.20
N VAL A 316 26.72 -1.11 -12.09
CA VAL A 316 26.46 -2.55 -12.07
C VAL A 316 25.34 -2.87 -13.05
N ASP A 317 24.31 -2.03 -13.07
CA ASP A 317 23.17 -2.23 -13.98
C ASP A 317 23.66 -2.19 -15.43
N ILE A 318 24.60 -1.29 -15.72
CA ILE A 318 25.15 -1.19 -17.08
C ILE A 318 25.94 -2.46 -17.40
N TYR A 319 26.81 -2.86 -16.49
CA TYR A 319 27.61 -4.06 -16.69
C TYR A 319 26.73 -5.29 -16.87
N GLU A 320 25.63 -5.37 -16.12
CA GLU A 320 24.71 -6.51 -16.24
C GLU A 320 24.18 -6.60 -17.67
N ASP A 321 23.72 -5.48 -18.20
CA ASP A 321 23.17 -5.45 -19.56
C ASP A 321 24.24 -5.71 -20.61
N MET A 322 25.45 -5.21 -20.38
CA MET A 322 26.55 -5.42 -21.32
C MET A 322 26.84 -6.93 -21.46
N LEU A 323 26.90 -7.61 -20.32
CA LEU A 323 27.17 -9.05 -20.32
C LEU A 323 26.06 -9.85 -20.99
N GLU A 324 24.85 -9.31 -20.93
CA GLU A 324 23.68 -9.96 -21.51
C GLU A 324 23.67 -9.78 -23.03
N ASN A 325 24.50 -8.86 -23.52
CA ASN A 325 24.56 -8.56 -24.95
C ASN A 325 25.88 -8.86 -25.65
N GLN A 326 26.57 -9.90 -25.22
CA GLN A 326 27.83 -10.29 -25.84
C GLN A 326 28.81 -9.13 -25.96
N CYS A 327 29.05 -8.42 -24.86
CA CYS A 327 29.98 -7.31 -24.91
C CYS A 327 31.38 -7.82 -25.15
N ASP A 328 32.29 -6.91 -25.46
CA ASP A 328 33.68 -7.24 -25.70
C ASP A 328 34.36 -7.20 -24.33
N ASN A 329 35.38 -8.05 -24.13
CA ASN A 329 36.09 -8.07 -22.86
C ASN A 329 35.16 -8.55 -21.74
N LYS A 330 34.42 -9.62 -22.02
CA LYS A 330 33.47 -10.19 -21.06
C LYS A 330 34.06 -10.48 -19.69
N GLU A 331 35.21 -11.15 -19.64
CA GLU A 331 35.85 -11.48 -18.37
C GLU A 331 36.14 -10.24 -17.53
N ASP A 332 36.63 -9.19 -18.19
CA ASP A 332 36.97 -7.95 -17.51
C ASP A 332 35.73 -7.26 -16.96
N ILE A 333 34.66 -7.23 -17.74
CA ILE A 333 33.42 -6.60 -17.33
C ILE A 333 32.81 -7.36 -16.17
N LEU A 334 32.85 -8.69 -16.24
CA LEU A 334 32.31 -9.52 -15.17
C LEU A 334 33.09 -9.25 -13.89
N ASN A 335 34.41 -9.21 -13.99
CA ASN A 335 35.23 -8.96 -12.81
C ASN A 335 34.91 -7.61 -12.19
N LYS A 336 34.73 -6.59 -13.02
CA LYS A 336 34.42 -5.26 -12.51
C LYS A 336 33.06 -5.23 -11.83
N ALA A 337 32.08 -5.93 -12.42
CA ALA A 337 30.75 -5.97 -11.84
C ALA A 337 30.75 -6.67 -10.49
N LEU A 338 31.48 -7.77 -10.39
CA LEU A 338 31.54 -8.50 -9.13
C LEU A 338 32.24 -7.67 -8.05
N GLU A 339 33.26 -6.92 -8.43
CA GLU A 339 33.97 -6.08 -7.47
C GLU A 339 33.02 -5.01 -6.93
N LEU A 340 32.21 -4.43 -7.80
CA LEU A 340 31.27 -3.41 -7.34
C LEU A 340 30.15 -3.99 -6.48
N CYS A 341 29.69 -5.20 -6.80
CA CYS A 341 28.65 -5.83 -5.99
C CYS A 341 29.18 -6.04 -4.57
N GLU A 342 30.46 -6.39 -4.46
CA GLU A 342 31.09 -6.62 -3.16
C GLU A 342 31.19 -5.29 -2.38
N ILE A 343 31.60 -4.24 -3.09
CA ILE A 343 31.72 -2.91 -2.48
C ILE A 343 30.36 -2.43 -1.98
N LEU A 344 29.33 -2.68 -2.77
CA LEU A 344 27.99 -2.28 -2.39
C LEU A 344 27.50 -3.09 -1.19
N ALA A 345 27.74 -4.40 -1.22
CA ALA A 345 27.29 -5.27 -0.13
C ALA A 345 27.99 -5.05 1.21
N LYS A 346 29.28 -4.77 1.15
CA LYS A 346 30.08 -4.60 2.37
C LYS A 346 30.26 -3.19 2.89
N GLU A 347 30.19 -2.20 2.00
CA GLU A 347 30.44 -0.84 2.45
C GLU A 347 29.49 0.27 2.04
N LYS A 348 29.23 0.36 0.74
CA LYS A 348 28.41 1.44 0.20
C LYS A 348 26.89 1.34 0.26
N ASP A 349 26.37 0.12 0.31
CA ASP A 349 24.91 -0.05 0.31
C ASP A 349 24.59 -1.33 1.09
N THR A 350 25.12 -1.41 2.31
CA THR A 350 24.93 -2.60 3.14
C THR A 350 23.50 -2.99 3.49
N ILE A 351 22.57 -2.03 3.46
CA ILE A 351 21.18 -2.37 3.76
C ILE A 351 20.67 -3.36 2.72
N ARG A 352 21.28 -3.33 1.53
CA ARG A 352 20.89 -4.23 0.45
C ARG A 352 21.93 -5.32 0.20
N LYS A 353 22.67 -5.69 1.25
CA LYS A 353 23.68 -6.73 1.14
C LYS A 353 23.12 -7.99 0.49
N GLU A 354 21.95 -8.45 0.92
CA GLU A 354 21.38 -9.67 0.33
C GLU A 354 21.08 -9.54 -1.16
N TYR A 355 20.60 -8.37 -1.58
CA TYR A 355 20.31 -8.15 -2.99
C TYR A 355 21.61 -8.14 -3.80
N TRP A 356 22.62 -7.41 -3.33
CA TRP A 356 23.88 -7.35 -4.06
C TRP A 356 24.60 -8.68 -4.12
N ARG A 357 24.50 -9.48 -3.06
CA ARG A 357 25.13 -10.80 -3.06
C ARG A 357 24.42 -11.65 -4.11
N TYR A 358 23.10 -11.49 -4.18
CA TYR A 358 22.29 -12.24 -5.16
C TYR A 358 22.70 -11.83 -6.58
N ILE A 359 22.86 -10.53 -6.81
CA ILE A 359 23.25 -10.07 -8.13
C ILE A 359 24.62 -10.67 -8.50
N GLY A 360 25.53 -10.75 -7.53
CA GLY A 360 26.84 -11.31 -7.79
C GLY A 360 26.74 -12.78 -8.21
N ARG A 361 25.93 -13.54 -7.47
CA ARG A 361 25.75 -14.95 -7.80
C ARG A 361 25.06 -15.09 -9.15
N SER A 362 24.09 -14.23 -9.41
CA SER A 362 23.35 -14.28 -10.67
C SER A 362 24.29 -14.04 -11.86
N LEU A 363 25.15 -13.03 -11.74
CA LEU A 363 26.10 -12.72 -12.82
C LEU A 363 26.99 -13.92 -13.12
N GLN A 364 27.42 -14.61 -12.07
CA GLN A 364 28.28 -15.78 -12.24
C GLN A 364 27.56 -16.97 -12.85
N SER A 365 26.27 -17.09 -12.57
CA SER A 365 25.49 -18.20 -13.11
C SER A 365 25.21 -17.98 -14.59
N LYS A 366 25.23 -16.73 -15.02
CA LYS A 366 24.93 -16.39 -16.40
C LYS A 366 26.13 -16.15 -17.34
N HIS A 367 27.26 -15.71 -16.80
CA HIS A 367 28.39 -15.39 -17.67
C HIS A 367 29.80 -15.87 -17.27
N SER A 368 29.92 -16.90 -16.45
CA SER A 368 31.26 -17.34 -16.06
C SER A 368 32.06 -18.08 -17.13
N THR A 369 31.47 -19.08 -17.79
CA THR A 369 32.19 -19.80 -18.83
C THR A 369 33.47 -20.44 -18.29
N SER B 15 32.32 -14.78 20.48
CA SER B 15 30.91 -14.28 20.56
C SER B 15 30.68 -13.44 21.81
N SER B 16 29.45 -13.01 22.02
CA SER B 16 29.13 -12.19 23.18
C SER B 16 28.22 -12.93 24.16
N PRO B 17 28.18 -12.44 25.42
CA PRO B 17 27.33 -13.10 26.42
C PRO B 17 25.87 -13.06 25.93
N VAL B 18 25.05 -14.00 26.42
CA VAL B 18 23.65 -14.08 26.00
C VAL B 18 22.81 -12.86 26.34
N TRP B 19 23.30 -12.03 27.28
CA TRP B 19 22.54 -10.86 27.71
C TRP B 19 22.86 -9.57 26.95
N SER B 20 23.69 -9.65 25.93
CA SER B 20 24.00 -8.48 25.11
C SER B 20 23.97 -8.94 23.66
N GLU B 21 23.29 -8.18 22.82
CA GLU B 21 23.18 -8.54 21.41
C GLU B 21 23.45 -7.31 20.56
N PRO B 22 24.62 -7.24 19.91
CA PRO B 22 24.98 -6.11 19.06
C PRO B 22 23.91 -5.87 17.98
N LEU B 23 23.64 -4.60 17.70
CA LEU B 23 22.63 -4.27 16.69
C LEU B 23 23.23 -3.53 15.50
N TYR B 24 22.66 -3.80 14.32
CA TYR B 24 23.10 -3.19 13.07
C TYR B 24 22.96 -1.68 13.13
N SER B 25 21.83 -1.22 13.64
CA SER B 25 21.55 0.21 13.74
C SER B 25 22.42 0.95 14.73
N LEU B 26 23.17 0.21 15.53
CA LEU B 26 24.05 0.81 16.54
C LEU B 26 25.53 0.77 16.17
N ARG B 27 25.88 0.15 15.05
CA ARG B 27 27.27 0.08 14.62
C ARG B 27 27.77 1.51 14.41
N PRO B 28 29.06 1.77 14.70
CA PRO B 28 29.56 3.14 14.51
C PRO B 28 29.45 3.61 13.06
N GLU B 29 29.63 2.71 12.11
CA GLU B 29 29.55 3.09 10.71
C GLU B 29 28.12 3.38 10.26
N HIS B 30 27.15 3.08 11.12
CA HIS B 30 25.76 3.33 10.74
C HIS B 30 25.49 4.83 10.60
N ALA B 31 26.27 5.66 11.31
CA ALA B 31 26.10 7.10 11.24
C ALA B 31 26.34 7.61 9.81
N ARG B 32 27.15 6.90 9.04
CA ARG B 32 27.44 7.30 7.66
C ARG B 32 26.21 7.18 6.76
N GLU B 33 25.18 6.50 7.26
CA GLU B 33 23.96 6.29 6.49
C GLU B 33 22.97 7.44 6.61
N ARG B 34 23.32 8.48 7.37
CA ARG B 34 22.44 9.63 7.52
C ARG B 34 22.31 10.30 6.16
N LEU B 35 21.19 10.99 5.95
CA LEU B 35 20.92 11.67 4.69
C LEU B 35 22.00 12.67 4.27
N GLN B 36 22.33 12.65 2.98
CA GLN B 36 23.29 13.60 2.43
C GLN B 36 22.42 14.46 1.52
N ASP B 37 22.13 15.69 1.93
CA ASP B 37 21.27 16.56 1.14
C ASP B 37 21.97 17.39 0.08
N ASP B 38 23.28 17.17 -0.06
CA ASP B 38 24.10 17.88 -1.03
C ASP B 38 24.01 19.39 -0.90
N SER B 39 23.66 19.84 0.30
CA SER B 39 23.53 21.28 0.58
C SER B 39 22.40 21.91 -0.22
N VAL B 40 21.45 21.09 -0.65
CA VAL B 40 20.30 21.58 -1.41
C VAL B 40 19.06 21.12 -0.66
N GLU B 41 18.45 22.02 0.10
CA GLU B 41 17.28 21.69 0.87
C GLU B 41 15.97 21.87 0.13
N THR B 42 15.08 20.89 0.26
CA THR B 42 13.76 20.96 -0.33
C THR B 42 12.85 20.36 0.74
N VAL B 43 11.56 20.51 0.56
CA VAL B 43 10.61 19.97 1.53
C VAL B 43 10.91 18.51 1.83
N THR B 44 11.24 17.75 0.80
CA THR B 44 11.54 16.33 0.95
C THR B 44 12.72 16.05 1.89
N SER B 45 13.85 16.70 1.66
CA SER B 45 15.01 16.45 2.51
C SER B 45 14.82 16.94 3.94
N ILE B 46 14.13 18.08 4.09
CA ILE B 46 13.85 18.64 5.40
C ILE B 46 13.07 17.63 6.24
N GLU B 47 12.01 17.07 5.66
CA GLU B 47 11.19 16.10 6.38
C GLU B 47 11.96 14.82 6.68
N GLN B 48 12.74 14.35 5.72
CA GLN B 48 13.53 13.13 5.92
C GLN B 48 14.54 13.33 7.05
N ALA B 49 15.20 14.48 7.07
CA ALA B 49 16.20 14.76 8.10
C ALA B 49 15.57 14.81 9.50
N LYS B 50 14.36 15.33 9.59
CA LYS B 50 13.66 15.41 10.86
C LYS B 50 13.36 14.02 11.42
N VAL B 51 12.96 13.11 10.54
CA VAL B 51 12.67 11.75 10.97
C VAL B 51 13.96 11.05 11.40
N GLU B 52 15.03 11.24 10.64
CA GLU B 52 16.30 10.60 11.00
C GLU B 52 16.84 11.07 12.34
N GLU B 53 16.66 12.36 12.63
CA GLU B 53 17.13 12.92 13.89
C GLU B 53 16.40 12.25 15.05
N LYS B 54 15.08 12.09 14.93
CA LYS B 54 14.29 11.46 15.97
C LYS B 54 14.66 9.99 16.12
N ILE B 55 14.81 9.29 14.99
CA ILE B 55 15.17 7.88 15.02
C ILE B 55 16.55 7.63 15.65
N GLN B 56 17.51 8.50 15.38
CA GLN B 56 18.84 8.31 15.98
C GLN B 56 18.72 8.40 17.50
N GLU B 57 17.90 9.33 17.99
CA GLU B 57 17.69 9.49 19.42
C GLU B 57 17.12 8.19 20.00
N VAL B 58 16.15 7.61 19.29
CA VAL B 58 15.55 6.36 19.74
C VAL B 58 16.60 5.25 19.77
N PHE B 59 17.32 5.07 18.65
CA PHE B 59 18.35 4.04 18.57
C PHE B 59 19.32 4.16 19.74
N SER B 60 19.82 5.37 19.97
CA SER B 60 20.78 5.62 21.03
C SER B 60 20.27 5.25 22.43
N SER B 61 18.96 5.28 22.61
CA SER B 61 18.39 4.96 23.91
C SER B 61 18.48 3.47 24.24
N TYR B 62 18.82 2.65 23.25
CA TYR B 62 18.93 1.20 23.46
C TYR B 62 20.38 0.73 23.59
N LYS B 63 21.31 1.67 23.57
CA LYS B 63 22.74 1.38 23.69
C LYS B 63 23.32 1.98 24.96
N PHE B 64 24.11 1.21 25.68
CA PHE B 64 24.75 1.66 26.91
C PHE B 64 26.21 1.27 26.74
N ASN B 65 26.87 2.03 25.86
CA ASN B 65 28.24 1.77 25.49
C ASN B 65 28.30 0.34 24.95
N HIS B 66 29.13 -0.54 25.51
CA HIS B 66 29.23 -1.90 24.98
C HIS B 66 28.12 -2.84 25.44
N LEU B 67 27.25 -2.35 26.33
CA LEU B 67 26.13 -3.16 26.80
C LEU B 67 24.92 -2.86 25.92
N VAL B 68 24.40 -3.87 25.23
CA VAL B 68 23.24 -3.69 24.35
C VAL B 68 22.22 -4.77 24.68
N PRO B 69 21.33 -4.49 25.65
CA PRO B 69 20.30 -5.46 26.06
C PRO B 69 19.44 -5.96 24.91
N ARG B 70 19.01 -7.21 24.99
CA ARG B 70 18.16 -7.79 23.95
C ARG B 70 16.85 -7.03 23.84
N LEU B 71 16.39 -6.85 22.61
CA LEU B 71 15.15 -6.14 22.35
C LEU B 71 13.97 -7.01 22.72
N VAL B 72 12.89 -6.38 23.19
CA VAL B 72 11.70 -7.09 23.62
C VAL B 72 10.40 -6.63 22.97
N LEU B 73 9.66 -7.59 22.42
CA LEU B 73 8.35 -7.32 21.82
C LEU B 73 7.43 -7.36 23.04
N GLN B 74 6.73 -6.26 23.30
CA GLN B 74 5.82 -6.20 24.46
C GLN B 74 4.49 -6.90 24.23
N ARG B 75 4.57 -8.22 24.03
CA ARG B 75 3.43 -9.09 23.78
C ARG B 75 2.19 -8.87 24.64
N GLU B 76 2.39 -8.89 25.95
CA GLU B 76 1.26 -8.72 26.86
C GLU B 76 0.55 -7.39 26.71
N LYS B 77 1.31 -6.32 26.50
CA LYS B 77 0.70 -5.00 26.33
C LYS B 77 -0.10 -5.00 25.02
N HIS B 78 0.48 -5.57 23.97
CA HIS B 78 -0.21 -5.63 22.68
C HIS B 78 -1.48 -6.46 22.80
N PHE B 79 -1.38 -7.60 23.49
CA PHE B 79 -2.52 -8.48 23.68
C PHE B 79 -3.71 -7.79 24.36
N HIS B 80 -3.46 -7.08 25.46
CA HIS B 80 -4.55 -6.39 26.16
C HIS B 80 -5.21 -5.30 25.33
N TYR B 81 -4.40 -4.60 24.53
CA TYR B 81 -4.90 -3.54 23.65
C TYR B 81 -5.81 -4.16 22.60
N LEU B 82 -5.37 -5.28 22.03
CA LEU B 82 -6.14 -5.99 21.01
C LEU B 82 -7.43 -6.62 21.55
N LYS B 83 -7.32 -7.25 22.71
CA LYS B 83 -8.46 -7.91 23.34
C LYS B 83 -9.60 -6.91 23.59
N ARG B 84 -9.24 -5.72 24.05
CA ARG B 84 -10.22 -4.68 24.31
C ARG B 84 -10.85 -4.19 23.01
N GLY B 85 -10.01 -3.93 22.01
CA GLY B 85 -10.51 -3.44 20.74
C GLY B 85 -11.47 -4.37 20.01
N LEU B 86 -11.27 -5.67 20.18
CA LEU B 86 -12.14 -6.66 19.51
C LEU B 86 -13.59 -6.56 19.98
N ARG B 87 -13.81 -5.99 21.17
CA ARG B 87 -15.19 -5.84 21.66
C ARG B 87 -15.68 -4.41 21.50
N GLN B 88 -14.87 -3.44 21.94
CA GLN B 88 -15.30 -2.04 21.90
C GLN B 88 -14.25 -1.04 21.45
N LEU B 89 -14.73 0.06 20.84
CA LEU B 89 -13.87 1.12 20.34
C LEU B 89 -14.44 2.49 20.68
N THR B 90 -13.58 3.46 20.94
CA THR B 90 -14.01 4.82 21.26
C THR B 90 -14.47 5.49 19.97
N ASP B 91 -15.11 6.65 20.07
CA ASP B 91 -15.59 7.36 18.89
C ASP B 91 -14.47 7.84 17.98
N ALA B 92 -13.23 7.63 18.40
CA ALA B 92 -12.09 8.01 17.58
C ALA B 92 -12.13 7.14 16.32
N TYR B 93 -12.87 6.04 16.40
CA TYR B 93 -13.00 5.13 15.27
C TYR B 93 -14.26 5.33 14.44
N GLU B 94 -14.95 6.46 14.63
CA GLU B 94 -16.14 6.73 13.84
C GLU B 94 -15.74 6.82 12.38
N CYS B 95 -14.51 7.26 12.12
CA CYS B 95 -14.02 7.40 10.75
C CYS B 95 -13.85 6.04 10.07
N LEU B 96 -13.96 4.97 10.84
CA LEU B 96 -13.83 3.62 10.30
C LEU B 96 -15.13 2.84 10.41
N ASP B 97 -16.25 3.55 10.50
CA ASP B 97 -17.56 2.92 10.62
C ASP B 97 -17.94 2.14 9.36
N ALA B 98 -17.26 2.43 8.25
CA ALA B 98 -17.52 1.73 7.00
C ALA B 98 -16.42 0.69 6.73
N SER B 99 -15.67 0.37 7.79
CA SER B 99 -14.57 -0.61 7.72
C SER B 99 -14.55 -1.55 8.92
N ARG B 100 -15.71 -1.91 9.46
CA ARG B 100 -15.75 -2.79 10.63
C ARG B 100 -15.08 -4.16 10.39
N PRO B 101 -15.29 -4.77 9.20
CA PRO B 101 -14.64 -6.07 8.99
C PRO B 101 -13.11 -5.95 9.01
N TRP B 102 -12.60 -4.78 8.65
CA TRP B 102 -11.16 -4.55 8.69
C TRP B 102 -10.69 -4.58 10.14
N LEU B 103 -11.46 -3.97 11.02
CA LEU B 103 -11.12 -3.96 12.44
C LEU B 103 -11.07 -5.41 12.95
N CYS B 104 -12.02 -6.23 12.50
CA CYS B 104 -12.05 -7.64 12.91
C CYS B 104 -10.79 -8.37 12.43
N TYR B 105 -10.46 -8.18 11.16
CA TYR B 105 -9.29 -8.81 10.57
C TYR B 105 -7.98 -8.33 11.20
N TRP B 106 -7.79 -7.02 11.25
CA TRP B 106 -6.56 -6.47 11.82
C TRP B 106 -6.31 -7.00 13.23
N ILE B 107 -7.35 -7.02 14.05
CA ILE B 107 -7.22 -7.48 15.42
C ILE B 107 -7.03 -8.99 15.54
N LEU B 108 -7.83 -9.77 14.81
CA LEU B 108 -7.70 -11.22 14.84
C LEU B 108 -6.37 -11.69 14.29
N HIS B 109 -5.89 -11.04 13.23
CA HIS B 109 -4.60 -11.45 12.66
C HIS B 109 -3.47 -11.11 13.62
N SER B 110 -3.59 -9.98 14.31
CA SER B 110 -2.56 -9.57 15.27
C SER B 110 -2.51 -10.60 16.41
N LEU B 111 -3.68 -10.99 16.90
CA LEU B 111 -3.77 -11.98 17.97
C LEU B 111 -3.20 -13.31 17.50
N GLU B 112 -3.50 -13.66 16.25
CA GLU B 112 -3.00 -14.89 15.66
C GLU B 112 -1.47 -14.88 15.61
N LEU B 113 -0.89 -13.77 15.17
CA LEU B 113 0.57 -13.65 15.09
C LEU B 113 1.21 -13.79 16.47
N LEU B 114 0.54 -13.24 17.48
CA LEU B 114 1.00 -13.29 18.87
C LEU B 114 0.69 -14.62 19.56
N ASP B 115 0.06 -15.54 18.83
CA ASP B 115 -0.30 -16.85 19.35
C ASP B 115 -1.17 -16.74 20.61
N GLU B 116 -2.12 -15.82 20.57
CA GLU B 116 -3.06 -15.61 21.67
C GLU B 116 -4.38 -16.24 21.25
N PRO B 117 -4.86 -17.24 22.00
CA PRO B 117 -6.11 -17.92 21.69
C PRO B 117 -7.32 -17.00 21.56
N ILE B 118 -8.25 -17.38 20.70
CA ILE B 118 -9.48 -16.63 20.49
C ILE B 118 -10.57 -17.46 21.18
N PRO B 119 -11.12 -16.96 22.29
CA PRO B 119 -12.19 -17.70 22.99
C PRO B 119 -13.29 -18.08 22.02
N GLN B 120 -13.86 -19.28 22.20
CA GLN B 120 -14.93 -19.73 21.29
C GLN B 120 -16.11 -18.77 21.23
N ILE B 121 -16.47 -18.18 22.37
CA ILE B 121 -17.57 -17.25 22.43
C ILE B 121 -17.30 -16.02 21.57
N VAL B 122 -16.09 -15.47 21.70
CA VAL B 122 -15.72 -14.31 20.92
C VAL B 122 -15.72 -14.66 19.44
N ALA B 123 -15.21 -15.85 19.11
CA ALA B 123 -15.16 -16.28 17.72
C ALA B 123 -16.56 -16.37 17.11
N THR B 124 -17.49 -16.95 17.86
CA THR B 124 -18.86 -17.08 17.37
C THR B 124 -19.49 -15.69 17.20
N ASP B 125 -19.19 -14.78 18.12
CA ASP B 125 -19.72 -13.43 18.04
C ASP B 125 -19.18 -12.73 16.79
N VAL B 126 -17.91 -12.98 16.45
CA VAL B 126 -17.34 -12.36 15.26
C VAL B 126 -18.05 -12.91 14.03
N CYS B 127 -18.27 -14.23 14.00
CA CYS B 127 -18.96 -14.86 12.87
C CYS B 127 -20.34 -14.24 12.68
N GLN B 128 -21.07 -14.10 13.79
CA GLN B 128 -22.41 -13.52 13.73
C GLN B 128 -22.39 -12.09 13.22
N PHE B 129 -21.40 -11.31 13.66
CA PHE B 129 -21.29 -9.93 13.20
C PHE B 129 -20.99 -9.86 11.71
N LEU B 130 -20.05 -10.67 11.24
CA LEU B 130 -19.71 -10.62 9.81
C LEU B 130 -20.89 -11.11 8.97
N GLU B 131 -21.72 -11.98 9.53
CA GLU B 131 -22.88 -12.46 8.81
C GLU B 131 -23.83 -11.28 8.59
N LEU B 132 -23.92 -10.40 9.58
CA LEU B 132 -24.76 -9.21 9.49
C LEU B 132 -24.22 -8.20 8.48
N CYS B 133 -22.92 -8.26 8.20
CA CYS B 133 -22.30 -7.35 7.24
C CYS B 133 -22.40 -7.90 5.82
N GLN B 134 -22.73 -9.18 5.69
CA GLN B 134 -22.83 -9.78 4.37
C GLN B 134 -24.08 -9.28 3.68
N SER B 135 -23.91 -8.89 2.41
CA SER B 135 -24.99 -8.36 1.60
C SER B 135 -25.78 -9.45 0.89
N PRO B 136 -27.09 -9.23 0.72
CA PRO B 136 -27.87 -10.25 0.02
C PRO B 136 -27.42 -10.41 -1.43
N GLU B 137 -26.77 -9.39 -1.99
CA GLU B 137 -26.30 -9.47 -3.38
C GLU B 137 -24.93 -10.15 -3.46
N GLY B 138 -24.38 -10.51 -2.30
CA GLY B 138 -23.08 -11.15 -2.27
C GLY B 138 -22.03 -10.16 -1.79
N GLY B 139 -20.95 -10.67 -1.20
CA GLY B 139 -19.93 -9.79 -0.69
C GLY B 139 -20.29 -9.26 0.68
N PHE B 140 -19.39 -8.50 1.30
CA PHE B 140 -19.61 -7.92 2.62
C PHE B 140 -19.44 -6.41 2.58
N GLY B 141 -20.21 -5.70 3.40
CA GLY B 141 -20.13 -4.26 3.47
C GLY B 141 -19.32 -3.84 4.69
N GLY B 142 -19.11 -2.55 4.85
CA GLY B 142 -18.33 -2.04 5.98
C GLY B 142 -19.01 -2.14 7.34
N GLY B 143 -20.28 -2.51 7.32
CA GLY B 143 -21.06 -2.65 8.55
C GLY B 143 -22.43 -3.18 8.18
N PRO B 144 -23.26 -3.54 9.15
CA PRO B 144 -24.60 -4.08 8.85
C PRO B 144 -25.42 -3.13 7.98
N GLY B 145 -25.99 -3.67 6.90
CA GLY B 145 -26.81 -2.87 6.01
C GLY B 145 -26.07 -2.03 4.99
N GLN B 146 -24.75 -2.02 5.04
CA GLN B 146 -23.98 -1.24 4.08
C GLN B 146 -23.82 -2.01 2.77
N TYR B 147 -23.68 -1.30 1.67
CA TYR B 147 -23.49 -1.95 0.37
C TYR B 147 -22.20 -2.74 0.43
N PRO B 148 -22.10 -3.83 -0.34
CA PRO B 148 -20.87 -4.63 -0.33
C PRO B 148 -19.74 -3.85 -1.02
N HIS B 149 -18.50 -4.15 -0.65
CA HIS B 149 -17.32 -3.47 -1.19
C HIS B 149 -16.20 -4.51 -1.11
N LEU B 150 -15.32 -4.56 -2.11
CA LEU B 150 -14.26 -5.56 -2.10
C LEU B 150 -13.26 -5.50 -0.95
N ALA B 151 -13.02 -4.31 -0.40
CA ALA B 151 -12.08 -4.21 0.71
C ALA B 151 -12.65 -4.90 1.96
N PRO B 152 -13.86 -4.52 2.40
CA PRO B 152 -14.35 -5.23 3.58
C PRO B 152 -14.65 -6.71 3.28
N THR B 153 -14.91 -7.03 2.01
CA THR B 153 -15.17 -8.42 1.62
C THR B 153 -13.88 -9.22 1.84
N TYR B 154 -12.76 -8.65 1.41
CA TYR B 154 -11.45 -9.27 1.59
C TYR B 154 -11.17 -9.46 3.09
N ALA B 155 -11.43 -8.42 3.87
CA ALA B 155 -11.19 -8.48 5.31
C ALA B 155 -12.07 -9.51 6.01
N ALA B 156 -13.35 -9.54 5.64
CA ALA B 156 -14.30 -10.47 6.26
C ALA B 156 -13.90 -11.92 5.98
N VAL B 157 -13.55 -12.22 4.73
CA VAL B 157 -13.16 -13.57 4.38
C VAL B 157 -11.88 -13.96 5.13
N ASN B 158 -10.90 -13.06 5.18
CA ASN B 158 -9.69 -13.36 5.93
C ASN B 158 -9.97 -13.61 7.41
N ALA B 159 -10.82 -12.77 8.01
CA ALA B 159 -11.16 -12.94 9.42
C ALA B 159 -11.85 -14.29 9.66
N LEU B 160 -12.79 -14.63 8.79
CA LEU B 160 -13.49 -15.90 8.94
C LEU B 160 -12.50 -17.06 8.80
N CYS B 161 -11.51 -16.93 7.92
CA CYS B 161 -10.53 -18.01 7.75
C CYS B 161 -9.56 -18.09 8.94
N ILE B 162 -9.32 -16.97 9.61
CA ILE B 162 -8.44 -17.00 10.78
C ILE B 162 -9.17 -17.77 11.89
N ILE B 163 -10.48 -17.56 12.00
CA ILE B 163 -11.26 -18.28 13.00
C ILE B 163 -11.22 -19.75 12.60
N GLY B 164 -11.38 -20.01 11.31
CA GLY B 164 -11.28 -21.35 10.77
C GLY B 164 -12.19 -22.48 11.18
N THR B 165 -13.37 -22.16 11.71
CA THR B 165 -14.31 -23.19 12.11
C THR B 165 -15.29 -23.40 10.97
N GLU B 166 -15.98 -24.53 10.94
CA GLU B 166 -16.94 -24.77 9.88
C GLU B 166 -18.03 -23.70 9.98
N GLU B 167 -18.33 -23.25 11.20
CA GLU B 167 -19.33 -22.20 11.39
C GLU B 167 -18.89 -20.94 10.63
N ALA B 168 -17.63 -20.58 10.79
CA ALA B 168 -17.09 -19.39 10.13
C ALA B 168 -17.07 -19.55 8.62
N TYR B 169 -16.60 -20.70 8.13
CA TYR B 169 -16.53 -20.94 6.70
C TYR B 169 -17.90 -20.88 6.04
N ASP B 170 -18.89 -21.49 6.68
CA ASP B 170 -20.23 -21.53 6.10
C ASP B 170 -21.00 -20.22 6.12
N ILE B 171 -20.46 -19.21 6.79
CA ILE B 171 -21.12 -17.90 6.82
C ILE B 171 -21.14 -17.36 5.39
N ILE B 172 -20.03 -17.55 4.69
CA ILE B 172 -19.88 -17.06 3.31
C ILE B 172 -20.87 -17.63 2.31
N ASN B 173 -21.64 -16.75 1.68
CA ASN B 173 -22.58 -17.18 0.65
C ASN B 173 -21.76 -17.18 -0.63
N ARG B 174 -21.21 -18.34 -0.96
CA ARG B 174 -20.35 -18.47 -2.13
C ARG B 174 -21.02 -18.19 -3.47
N GLU B 175 -22.26 -18.63 -3.64
CA GLU B 175 -22.94 -18.40 -4.91
C GLU B 175 -23.10 -16.91 -5.19
N LYS B 176 -23.54 -16.15 -4.19
CA LYS B 176 -23.72 -14.72 -4.37
C LYS B 176 -22.38 -14.01 -4.44
N LEU B 177 -21.38 -14.52 -3.74
CA LEU B 177 -20.07 -13.89 -3.78
C LEU B 177 -19.55 -13.90 -5.22
N LEU B 178 -19.65 -15.04 -5.91
CA LEU B 178 -19.17 -15.11 -7.28
C LEU B 178 -19.98 -14.18 -8.19
N GLN B 179 -21.29 -14.14 -8.00
CA GLN B 179 -22.11 -13.24 -8.81
C GLN B 179 -21.69 -11.80 -8.56
N TYR B 180 -21.40 -11.48 -7.30
CA TYR B 180 -20.97 -10.14 -6.96
C TYR B 180 -19.66 -9.79 -7.67
N LEU B 181 -18.70 -10.71 -7.67
CA LEU B 181 -17.43 -10.44 -8.36
C LEU B 181 -17.69 -10.17 -9.85
N TYR B 182 -18.59 -10.95 -10.45
CA TYR B 182 -18.92 -10.74 -11.86
C TYR B 182 -19.50 -9.34 -12.07
N SER B 183 -20.30 -8.89 -11.11
CA SER B 183 -20.95 -7.58 -11.20
C SER B 183 -19.97 -6.40 -11.14
N LEU B 184 -18.72 -6.68 -10.76
CA LEU B 184 -17.68 -5.66 -10.65
C LEU B 184 -16.62 -5.75 -11.76
N LYS B 185 -16.62 -6.86 -12.49
CA LYS B 185 -15.63 -7.09 -13.55
C LYS B 185 -15.78 -6.21 -14.77
N GLN B 186 -14.68 -5.55 -15.15
CA GLN B 186 -14.64 -4.66 -16.30
C GLN B 186 -14.04 -5.37 -17.51
N PRO B 187 -14.40 -4.92 -18.72
CA PRO B 187 -13.86 -5.57 -19.92
C PRO B 187 -12.34 -5.48 -20.11
N ASP B 188 -11.71 -4.48 -19.50
CA ASP B 188 -10.25 -4.34 -19.64
C ASP B 188 -9.48 -5.18 -18.63
N GLY B 189 -10.18 -6.03 -17.89
CA GLY B 189 -9.55 -6.89 -16.91
C GLY B 189 -9.58 -6.38 -15.46
N SER B 190 -9.91 -5.10 -15.28
CA SER B 190 -9.94 -4.54 -13.94
C SER B 190 -11.27 -4.82 -13.24
N PHE B 191 -11.33 -4.48 -11.95
CA PHE B 191 -12.54 -4.65 -11.15
C PHE B 191 -12.86 -3.34 -10.44
N LEU B 192 -14.15 -3.07 -10.26
CA LEU B 192 -14.57 -1.88 -9.52
C LEU B 192 -14.43 -2.32 -8.06
N MET B 193 -14.23 -1.38 -7.14
CA MET B 193 -14.12 -1.74 -5.72
C MET B 193 -15.52 -2.04 -5.20
N HIS B 194 -16.52 -1.39 -5.82
CA HIS B 194 -17.91 -1.60 -5.47
C HIS B 194 -18.76 -1.05 -6.61
N VAL B 195 -20.05 -1.38 -6.61
CA VAL B 195 -20.94 -0.92 -7.67
C VAL B 195 -20.89 0.59 -7.72
N GLY B 196 -20.62 1.13 -8.91
CA GLY B 196 -20.52 2.57 -9.09
C GLY B 196 -19.32 3.16 -8.38
N GLY B 197 -18.33 2.31 -8.06
CA GLY B 197 -17.15 2.76 -7.36
C GLY B 197 -15.90 2.92 -8.20
N GLU B 198 -14.78 3.20 -7.53
CA GLU B 198 -13.49 3.42 -8.18
C GLU B 198 -12.75 2.14 -8.59
N VAL B 199 -11.81 2.31 -9.51
CA VAL B 199 -10.99 1.19 -9.97
C VAL B 199 -9.52 1.42 -9.68
N ASP B 200 -8.87 0.42 -9.11
CA ASP B 200 -7.42 0.41 -8.87
C ASP B 200 -6.99 -1.01 -8.54
N VAL B 201 -5.69 -1.26 -8.51
CA VAL B 201 -5.17 -2.62 -8.27
C VAL B 201 -5.65 -3.32 -7.01
N ARG B 202 -6.09 -2.55 -6.02
CA ARG B 202 -6.58 -3.17 -4.79
C ARG B 202 -7.71 -4.15 -5.12
N SER B 203 -8.57 -3.79 -6.07
CA SER B 203 -9.71 -4.65 -6.41
C SER B 203 -9.31 -6.00 -6.97
N ALA B 204 -8.29 -6.04 -7.82
CA ALA B 204 -7.83 -7.29 -8.41
C ALA B 204 -7.36 -8.24 -7.31
N TYR B 205 -6.62 -7.71 -6.35
CA TYR B 205 -6.11 -8.53 -5.26
C TYR B 205 -7.24 -8.98 -4.33
N CYS B 206 -8.13 -8.07 -3.96
CA CYS B 206 -9.23 -8.45 -3.07
C CYS B 206 -10.04 -9.56 -3.72
N ALA B 207 -10.37 -9.39 -5.01
CA ALA B 207 -11.14 -10.40 -5.75
C ALA B 207 -10.39 -11.72 -5.84
N ALA B 208 -9.12 -11.68 -6.25
CA ALA B 208 -8.32 -12.90 -6.38
C ALA B 208 -8.16 -13.61 -5.04
N SER B 209 -7.97 -12.84 -3.97
CA SER B 209 -7.81 -13.43 -2.65
C SER B 209 -9.06 -14.19 -2.21
N VAL B 210 -10.21 -13.53 -2.22
CA VAL B 210 -11.41 -14.22 -1.78
C VAL B 210 -11.87 -15.33 -2.73
N ALA B 211 -11.67 -15.15 -4.03
CA ALA B 211 -12.08 -16.18 -4.99
C ALA B 211 -11.25 -17.45 -4.86
N SER B 212 -9.93 -17.31 -4.66
CA SER B 212 -9.08 -18.48 -4.53
C SER B 212 -9.32 -19.21 -3.21
N LEU B 213 -9.44 -18.46 -2.10
CA LEU B 213 -9.68 -19.10 -0.81
C LEU B 213 -11.00 -19.87 -0.77
N THR B 214 -12.06 -19.29 -1.33
CA THR B 214 -13.38 -19.92 -1.30
C THR B 214 -13.68 -20.83 -2.49
N ASN B 215 -12.69 -21.04 -3.35
CA ASN B 215 -12.83 -21.90 -4.52
C ASN B 215 -14.00 -21.51 -5.43
N ILE B 216 -14.02 -20.27 -5.89
CA ILE B 216 -15.08 -19.82 -6.78
C ILE B 216 -14.52 -19.25 -8.10
N ILE B 217 -13.27 -19.56 -8.39
CA ILE B 217 -12.65 -19.06 -9.62
C ILE B 217 -13.13 -19.80 -10.85
N THR B 218 -13.58 -19.05 -11.85
CA THR B 218 -14.02 -19.61 -13.12
C THR B 218 -12.98 -19.20 -14.16
N PRO B 219 -12.96 -19.87 -15.31
CA PRO B 219 -12.00 -19.56 -16.38
C PRO B 219 -12.03 -18.12 -16.86
N ASP B 220 -13.21 -17.51 -16.89
CA ASP B 220 -13.33 -16.15 -17.37
C ASP B 220 -13.34 -15.05 -16.32
N LEU B 221 -13.49 -15.41 -15.05
CA LEU B 221 -13.53 -14.40 -13.99
C LEU B 221 -12.36 -13.43 -14.08
N PHE B 222 -11.16 -13.97 -14.26
CA PHE B 222 -9.98 -13.12 -14.34
C PHE B 222 -9.40 -12.92 -15.73
N GLU B 223 -10.23 -13.10 -16.75
CA GLU B 223 -9.79 -12.89 -18.12
C GLU B 223 -9.29 -11.46 -18.27
N GLY B 224 -8.04 -11.30 -18.71
CA GLY B 224 -7.47 -9.98 -18.90
C GLY B 224 -6.93 -9.29 -17.66
N THR B 225 -7.20 -9.85 -16.49
CA THR B 225 -6.74 -9.24 -15.25
C THR B 225 -5.21 -9.17 -15.13
N ALA B 226 -4.53 -10.28 -15.43
CA ALA B 226 -3.08 -10.30 -15.36
C ALA B 226 -2.46 -9.22 -16.26
N GLU B 227 -3.01 -9.05 -17.46
CA GLU B 227 -2.50 -8.06 -18.40
C GLU B 227 -2.74 -6.64 -17.88
N TRP B 228 -3.89 -6.43 -17.24
CA TRP B 228 -4.20 -5.10 -16.71
C TRP B 228 -3.23 -4.77 -15.57
N ILE B 229 -2.93 -5.75 -14.74
CA ILE B 229 -2.01 -5.52 -13.62
C ILE B 229 -0.62 -5.18 -14.15
N ALA B 230 -0.18 -5.89 -15.19
CA ALA B 230 1.13 -5.63 -15.76
C ALA B 230 1.23 -4.20 -16.29
N ARG B 231 0.13 -3.67 -16.82
CA ARG B 231 0.13 -2.30 -17.32
C ARG B 231 0.33 -1.31 -16.17
N CYS B 232 0.06 -1.74 -14.95
CA CYS B 232 0.23 -0.88 -13.77
C CYS B 232 1.68 -0.82 -13.30
N GLN B 233 2.51 -1.74 -13.75
CA GLN B 233 3.92 -1.69 -13.38
C GLN B 233 4.46 -0.51 -14.18
N ASN B 234 5.26 0.35 -13.58
CA ASN B 234 5.76 1.52 -14.31
C ASN B 234 7.27 1.55 -14.47
N TRP B 235 7.78 2.68 -14.96
CA TRP B 235 9.20 2.87 -15.21
C TRP B 235 10.09 2.65 -13.99
N GLU B 236 9.53 2.79 -12.80
CA GLU B 236 10.29 2.62 -11.57
C GLU B 236 10.53 1.15 -11.23
N GLY B 237 9.65 0.29 -11.72
CA GLY B 237 9.76 -1.14 -11.45
C GLY B 237 8.65 -1.60 -10.53
N GLY B 238 8.13 -0.69 -9.72
CA GLY B 238 7.05 -1.00 -8.81
C GLY B 238 5.74 -0.90 -9.57
N ILE B 239 4.62 -1.02 -8.85
CA ILE B 239 3.29 -0.97 -9.45
C ILE B 239 2.46 0.19 -8.89
N GLY B 240 1.74 0.89 -9.76
CA GLY B 240 0.90 2.00 -9.33
C GLY B 240 -0.55 1.55 -9.22
N GLY B 241 -1.40 2.42 -8.68
CA GLY B 241 -2.81 2.06 -8.51
C GLY B 241 -3.53 1.77 -9.81
N VAL B 242 -3.15 2.48 -10.87
CA VAL B 242 -3.71 2.29 -12.20
C VAL B 242 -2.59 2.59 -13.17
N PRO B 243 -2.72 2.16 -14.44
CA PRO B 243 -1.65 2.42 -15.41
C PRO B 243 -1.27 3.88 -15.47
N GLY B 244 0.03 4.15 -15.40
CA GLY B 244 0.54 5.51 -15.45
C GLY B 244 0.93 6.10 -14.11
N MET B 245 0.36 5.58 -13.02
CA MET B 245 0.65 6.12 -11.71
C MET B 245 1.94 5.66 -11.04
N GLU B 246 2.39 6.47 -10.11
CA GLU B 246 3.61 6.25 -9.34
C GLU B 246 3.61 4.91 -8.61
N ALA B 247 4.76 4.25 -8.60
CA ALA B 247 4.90 2.96 -7.93
C ALA B 247 4.74 3.15 -6.42
N HIS B 248 3.92 2.31 -5.81
CA HIS B 248 3.65 2.40 -4.39
C HIS B 248 3.60 1.02 -3.76
N GLY B 249 4.21 0.86 -2.59
CA GLY B 249 4.22 -0.43 -1.93
C GLY B 249 2.88 -1.10 -1.73
N GLY B 250 1.86 -0.32 -1.38
CA GLY B 250 0.55 -0.91 -1.18
C GLY B 250 0.01 -1.53 -2.45
N TYR B 251 0.06 -0.76 -3.54
CA TYR B 251 -0.43 -1.26 -4.82
C TYR B 251 0.47 -2.33 -5.42
N THR B 252 1.77 -2.28 -5.11
CA THR B 252 2.68 -3.28 -5.63
C THR B 252 2.43 -4.62 -4.94
N PHE B 253 2.16 -4.59 -3.64
CA PHE B 253 1.85 -5.83 -2.95
C PHE B 253 0.59 -6.41 -3.58
N CYS B 254 -0.45 -5.60 -3.72
CA CYS B 254 -1.70 -6.06 -4.33
C CYS B 254 -1.49 -6.65 -5.71
N GLY B 255 -0.73 -5.95 -6.54
CA GLY B 255 -0.47 -6.42 -7.89
C GLY B 255 0.25 -7.75 -7.96
N LEU B 256 1.38 -7.85 -7.27
CA LEU B 256 2.15 -9.10 -7.30
C LEU B 256 1.42 -10.25 -6.63
N ALA B 257 0.79 -10.00 -5.49
CA ALA B 257 0.08 -11.06 -4.80
C ALA B 257 -1.06 -11.59 -5.68
N ALA B 258 -1.76 -10.68 -6.37
CA ALA B 258 -2.84 -11.12 -7.25
C ALA B 258 -2.27 -11.99 -8.37
N LEU B 259 -1.17 -11.55 -8.97
CA LEU B 259 -0.56 -12.33 -10.06
C LEU B 259 -0.09 -13.70 -9.56
N VAL B 260 0.40 -13.77 -8.33
CA VAL B 260 0.85 -15.05 -7.79
C VAL B 260 -0.35 -16.00 -7.68
N ILE B 261 -1.48 -15.50 -7.23
CA ILE B 261 -2.69 -16.30 -7.11
C ILE B 261 -3.11 -16.80 -8.50
N LEU B 262 -2.99 -15.93 -9.49
CA LEU B 262 -3.36 -16.26 -10.86
C LEU B 262 -2.29 -17.05 -11.62
N LYS B 263 -1.14 -17.24 -10.99
CA LYS B 263 0.00 -17.95 -11.59
C LYS B 263 0.44 -17.23 -12.87
N ARG B 264 0.47 -15.91 -12.81
CA ARG B 264 0.87 -15.10 -13.96
C ARG B 264 1.94 -14.07 -13.57
N GLU B 265 2.77 -14.40 -12.59
CA GLU B 265 3.82 -13.48 -12.14
C GLU B 265 4.76 -13.09 -13.26
N ARG B 266 4.96 -13.99 -14.22
CA ARG B 266 5.85 -13.73 -15.34
C ARG B 266 5.38 -12.61 -16.27
N SER B 267 4.16 -12.13 -16.05
CA SER B 267 3.63 -11.04 -16.86
C SER B 267 4.35 -9.74 -16.50
N LEU B 268 5.05 -9.74 -15.38
CA LEU B 268 5.80 -8.57 -14.92
C LEU B 268 7.28 -8.68 -15.19
N ASN B 269 7.98 -7.54 -15.12
CA ASN B 269 9.43 -7.52 -15.26
C ASN B 269 9.82 -7.71 -13.78
N LEU B 270 10.17 -8.95 -13.40
CA LEU B 270 10.51 -9.21 -12.01
C LEU B 270 11.84 -8.60 -11.59
N LYS B 271 12.73 -8.38 -12.55
CA LYS B 271 14.02 -7.78 -12.28
C LYS B 271 13.86 -6.33 -11.82
N SER B 272 13.07 -5.54 -12.54
CA SER B 272 12.90 -4.15 -12.15
C SER B 272 12.08 -4.04 -10.87
N LEU B 273 11.17 -4.98 -10.65
CA LEU B 273 10.34 -4.97 -9.46
C LEU B 273 11.23 -5.25 -8.24
N LEU B 274 12.09 -6.25 -8.37
CA LEU B 274 12.99 -6.62 -7.28
C LEU B 274 13.92 -5.46 -6.93
N GLN B 275 14.53 -4.83 -7.94
CA GLN B 275 15.42 -3.73 -7.65
C GLN B 275 14.66 -2.58 -7.00
N TRP B 276 13.42 -2.35 -7.43
CA TRP B 276 12.62 -1.27 -6.86
C TRP B 276 12.26 -1.50 -5.38
N VAL B 277 11.72 -2.67 -5.05
CA VAL B 277 11.35 -2.90 -3.66
C VAL B 277 12.53 -2.93 -2.71
N THR B 278 13.64 -3.53 -3.12
CA THR B 278 14.80 -3.56 -2.22
C THR B 278 15.30 -2.14 -1.98
N SER B 279 15.13 -1.27 -2.96
CA SER B 279 15.56 0.12 -2.82
C SER B 279 14.66 0.89 -1.86
N ARG B 280 13.49 0.33 -1.53
CA ARG B 280 12.57 1.01 -0.64
C ARG B 280 12.90 0.84 0.85
N GLN B 281 13.89 -0.01 1.17
CA GLN B 281 14.27 -0.14 2.57
C GLN B 281 15.22 1.03 2.85
N MET B 282 14.94 1.76 3.93
CA MET B 282 15.74 2.94 4.30
C MET B 282 17.07 2.58 4.93
N ARG B 283 18.16 3.05 4.33
CA ARG B 283 19.49 2.73 4.82
C ARG B 283 19.71 3.13 6.28
N PHE B 284 19.11 4.23 6.71
CA PHE B 284 19.32 4.63 8.10
C PHE B 284 18.28 4.04 9.06
N GLU B 285 17.00 4.27 8.79
CA GLU B 285 15.94 3.79 9.68
C GLU B 285 15.78 2.27 9.73
N GLY B 286 16.04 1.58 8.62
CA GLY B 286 15.90 0.14 8.62
C GLY B 286 14.52 -0.33 8.18
N GLY B 287 13.53 0.54 8.30
CA GLY B 287 12.19 0.19 7.88
C GLY B 287 12.01 0.51 6.40
N PHE B 288 10.79 0.39 5.89
CA PHE B 288 10.52 0.68 4.49
C PHE B 288 9.65 1.92 4.28
N GLN B 289 9.84 2.59 3.13
CA GLN B 289 9.05 3.75 2.75
C GLN B 289 8.05 3.19 1.72
N GLY B 290 6.97 3.90 1.44
CA GLY B 290 5.97 3.41 0.49
C GLY B 290 6.26 3.73 -0.96
N ARG B 291 7.06 4.77 -1.17
CA ARG B 291 7.46 5.19 -2.50
C ARG B 291 8.74 5.99 -2.38
N CYS B 292 9.47 6.08 -3.48
CA CYS B 292 10.74 6.79 -3.49
C CYS B 292 10.63 8.20 -2.96
N ASN B 293 11.60 8.59 -2.13
CA ASN B 293 11.65 9.91 -1.55
C ASN B 293 10.52 10.31 -0.61
N LYS B 294 9.87 9.31 0.00
CA LYS B 294 8.85 9.62 1.00
C LYS B 294 9.34 8.99 2.31
N LEU B 295 8.58 9.12 3.39
CA LEU B 295 9.05 8.64 4.69
C LEU B 295 8.82 7.18 5.09
N VAL B 296 9.66 6.72 6.00
CA VAL B 296 9.57 5.36 6.53
C VAL B 296 8.23 5.24 7.26
N ASP B 297 7.68 4.03 7.31
CA ASP B 297 6.40 3.78 7.98
C ASP B 297 6.31 2.29 8.31
N GLY B 298 6.04 1.98 9.57
CA GLY B 298 5.93 0.60 9.99
C GLY B 298 4.98 -0.30 9.23
N CYS B 299 3.91 0.23 8.64
CA CYS B 299 3.01 -0.67 7.92
C CYS B 299 3.64 -1.22 6.64
N TYR B 300 4.62 -0.51 6.08
CA TYR B 300 5.29 -1.00 4.88
C TYR B 300 6.20 -2.19 5.21
N SER B 301 6.31 -2.50 6.49
CA SER B 301 7.09 -3.65 6.91
C SER B 301 6.39 -4.85 6.27
N PHE B 302 5.09 -4.73 6.05
CA PHE B 302 4.39 -5.81 5.38
C PHE B 302 4.23 -5.57 3.87
N TRP B 303 3.60 -4.46 3.50
CA TRP B 303 3.36 -4.21 2.08
C TRP B 303 4.61 -4.29 1.21
N GLN B 304 5.73 -3.76 1.69
CA GLN B 304 6.97 -3.80 0.91
C GLN B 304 7.77 -5.08 1.18
N ALA B 305 8.12 -5.34 2.45
CA ALA B 305 8.91 -6.52 2.74
C ALA B 305 8.22 -7.82 2.34
N GLY B 306 6.89 -7.81 2.37
CA GLY B 306 6.12 -8.99 1.98
C GLY B 306 6.33 -9.35 0.51
N LEU B 307 6.79 -8.38 -0.27
CA LEU B 307 7.05 -8.64 -1.68
C LEU B 307 8.27 -9.55 -1.86
N LEU B 308 9.21 -9.55 -0.91
CA LEU B 308 10.37 -10.40 -1.10
C LEU B 308 10.07 -11.91 -1.08
N PRO B 309 9.20 -12.37 -0.17
CA PRO B 309 8.89 -13.81 -0.18
C PRO B 309 8.15 -14.17 -1.45
N LEU B 310 7.35 -13.24 -1.96
CA LEU B 310 6.60 -13.48 -3.19
C LEU B 310 7.56 -13.57 -4.38
N LEU B 311 8.55 -12.67 -4.41
CA LEU B 311 9.53 -12.67 -5.49
C LEU B 311 10.41 -13.91 -5.40
N HIS B 312 10.72 -14.33 -4.18
CA HIS B 312 11.54 -15.51 -3.98
C HIS B 312 10.85 -16.73 -4.61
N ARG B 313 9.58 -16.89 -4.27
CA ARG B 313 8.76 -17.98 -4.78
C ARG B 313 8.68 -17.94 -6.30
N ALA B 314 8.42 -16.74 -6.83
CA ALA B 314 8.31 -16.53 -8.27
C ALA B 314 9.59 -16.91 -9.02
N LEU B 315 10.72 -16.46 -8.49
CA LEU B 315 12.01 -16.75 -9.12
C LEU B 315 12.38 -18.21 -8.95
N HIS B 316 12.06 -18.79 -7.79
CA HIS B 316 12.35 -20.19 -7.52
C HIS B 316 11.59 -21.11 -8.47
N ALA B 317 10.38 -20.70 -8.82
CA ALA B 317 9.54 -21.47 -9.74
C ALA B 317 10.19 -21.46 -11.12
N GLN B 318 10.96 -20.42 -11.39
CA GLN B 318 11.65 -20.25 -12.66
C GLN B 318 13.02 -20.95 -12.69
N GLY B 319 13.41 -21.54 -11.57
CA GLY B 319 14.69 -22.23 -11.51
C GLY B 319 15.90 -21.32 -11.36
N ASP B 320 15.71 -20.18 -10.70
CA ASP B 320 16.80 -19.24 -10.49
C ASP B 320 17.88 -19.91 -9.63
N PRO B 321 19.05 -20.19 -10.22
CA PRO B 321 20.13 -20.84 -9.48
C PRO B 321 20.86 -19.95 -8.46
N ALA B 322 20.61 -18.65 -8.49
CA ALA B 322 21.29 -17.74 -7.58
C ALA B 322 20.54 -17.38 -6.29
N LEU B 323 19.30 -17.83 -6.16
CA LEU B 323 18.52 -17.51 -4.95
C LEU B 323 19.12 -18.04 -3.67
N SER B 324 18.98 -17.27 -2.59
CA SER B 324 19.47 -17.67 -1.29
C SER B 324 18.59 -18.81 -0.78
N MET B 325 19.17 -19.66 0.05
CA MET B 325 18.43 -20.77 0.64
C MET B 325 18.27 -20.51 2.14
N SER B 326 18.54 -19.28 2.57
CA SER B 326 18.44 -18.96 3.99
C SER B 326 17.88 -17.57 4.34
N HIS B 327 17.89 -16.64 3.39
CA HIS B 327 17.41 -15.29 3.65
C HIS B 327 16.58 -14.65 2.53
N TRP B 328 15.70 -13.73 2.92
CA TRP B 328 14.89 -12.97 1.97
C TRP B 328 15.84 -11.91 1.47
N MET B 329 15.55 -11.32 0.32
CA MET B 329 16.43 -10.30 -0.21
C MET B 329 16.24 -8.88 0.30
N PHE B 330 16.16 -8.75 1.63
CA PHE B 330 16.09 -7.44 2.27
C PHE B 330 16.83 -7.63 3.60
N HIS B 331 17.15 -6.55 4.29
CA HIS B 331 17.88 -6.65 5.55
C HIS B 331 16.89 -7.02 6.65
N GLN B 332 16.80 -8.32 6.91
CA GLN B 332 15.88 -8.83 7.91
C GLN B 332 16.15 -8.28 9.31
N GLN B 333 17.42 -8.20 9.68
CA GLN B 333 17.74 -7.69 11.01
C GLN B 333 17.38 -6.22 11.16
N ALA B 334 17.74 -5.40 10.18
CA ALA B 334 17.43 -3.98 10.28
C ALA B 334 15.93 -3.70 10.37
N LEU B 335 15.12 -4.50 9.67
CA LEU B 335 13.68 -4.27 9.74
C LEU B 335 13.18 -4.61 11.14
N GLN B 336 13.70 -5.69 11.71
CA GLN B 336 13.28 -6.07 13.05
C GLN B 336 13.69 -4.99 14.05
N GLU B 337 14.86 -4.38 13.84
CA GLU B 337 15.33 -3.33 14.73
C GLU B 337 14.42 -2.12 14.65
N TYR B 338 14.00 -1.75 13.44
CA TYR B 338 13.12 -0.60 13.29
C TYR B 338 11.77 -0.83 13.97
N ILE B 339 11.18 -2.00 13.76
CA ILE B 339 9.88 -2.31 14.35
C ILE B 339 9.95 -2.39 15.87
N LEU B 340 10.92 -3.14 16.39
CA LEU B 340 11.04 -3.29 17.84
C LEU B 340 11.44 -2.04 18.62
N MET B 341 12.34 -1.25 18.08
CA MET B 341 12.78 -0.04 18.77
C MET B 341 11.95 1.21 18.48
N CYS B 342 11.41 1.31 17.27
CA CYS B 342 10.67 2.51 16.89
C CYS B 342 9.16 2.43 16.73
N CYS B 343 8.63 1.23 16.52
CA CYS B 343 7.20 1.11 16.27
C CYS B 343 6.30 0.57 17.37
N GLN B 344 6.83 0.39 18.57
CA GLN B 344 6.00 -0.12 19.66
C GLN B 344 5.53 0.98 20.59
N CYS B 345 4.24 0.97 20.91
CA CYS B 345 3.68 1.95 21.84
C CYS B 345 3.87 1.30 23.21
N PRO B 346 4.52 2.00 24.16
CA PRO B 346 4.71 1.40 25.48
C PRO B 346 3.43 0.94 26.15
N ALA B 347 2.31 1.55 25.76
CA ALA B 347 1.01 1.21 26.32
C ALA B 347 0.33 0.05 25.58
N GLY B 348 1.01 -0.49 24.57
CA GLY B 348 0.43 -1.58 23.80
C GLY B 348 0.05 -1.08 22.42
N GLY B 349 0.19 -1.92 21.41
CA GLY B 349 -0.14 -1.51 20.05
C GLY B 349 1.11 -1.05 19.33
N LEU B 350 1.06 -1.01 18.00
CA LEU B 350 2.21 -0.57 17.23
C LEU B 350 1.84 0.62 16.35
N LEU B 351 2.85 1.24 15.76
CA LEU B 351 2.58 2.43 14.98
C LEU B 351 3.48 2.68 13.77
N ASP B 352 3.14 3.74 13.05
CA ASP B 352 3.84 4.18 11.84
C ASP B 352 5.30 4.55 12.12
N LYS B 353 5.51 5.55 12.97
CA LYS B 353 6.86 5.99 13.32
C LYS B 353 6.78 6.73 14.65
N PRO B 354 7.92 6.96 15.31
CA PRO B 354 7.89 7.68 16.60
C PRO B 354 7.16 9.01 16.43
N GLY B 355 6.30 9.34 17.38
CA GLY B 355 5.55 10.58 17.30
C GLY B 355 4.11 10.36 16.86
N LYS B 356 3.84 9.23 16.25
CA LYS B 356 2.49 8.90 15.80
C LYS B 356 1.77 8.08 16.86
N SER B 357 0.45 8.12 16.84
CA SER B 357 -0.31 7.34 17.82
C SER B 357 -0.60 5.96 17.25
N ARG B 358 -0.78 5.00 18.14
CA ARG B 358 -1.07 3.63 17.75
C ARG B 358 -2.45 3.52 17.11
N ASP B 359 -2.67 2.44 16.37
CA ASP B 359 -3.96 2.15 15.78
C ASP B 359 -3.91 0.68 15.39
N PHE B 360 -5.07 0.06 15.25
CA PHE B 360 -5.11 -1.35 14.92
C PHE B 360 -4.53 -1.73 13.57
N TYR B 361 -4.62 -0.82 12.61
CA TYR B 361 -4.07 -1.07 11.28
C TYR B 361 -2.56 -1.23 11.36
N HIS B 362 -1.87 -0.30 12.01
CA HIS B 362 -0.42 -0.43 12.12
C HIS B 362 0.01 -1.57 13.03
N THR B 363 -0.85 -1.94 13.98
CA THR B 363 -0.53 -3.05 14.86
C THR B 363 -0.53 -4.33 14.03
N CYS B 364 -1.49 -4.43 13.11
CA CYS B 364 -1.59 -5.60 12.25
C CYS B 364 -0.35 -5.74 11.35
N TYR B 365 -0.08 -4.71 10.54
CA TYR B 365 1.03 -4.80 9.60
C TYR B 365 2.46 -4.72 10.13
N CYS B 366 2.66 -4.05 11.26
CA CYS B 366 3.98 -3.99 11.86
C CYS B 366 4.32 -5.41 12.32
N LEU B 367 3.33 -6.09 12.91
CA LEU B 367 3.55 -7.46 13.39
C LEU B 367 3.70 -8.43 12.21
N SER B 368 2.90 -8.24 11.16
CA SER B 368 2.99 -9.10 9.99
C SER B 368 4.38 -8.98 9.38
N GLY B 369 4.88 -7.75 9.31
CA GLY B 369 6.20 -7.50 8.77
C GLY B 369 7.28 -8.12 9.63
N LEU B 370 7.12 -8.01 10.95
CA LEU B 370 8.09 -8.58 11.88
C LEU B 370 8.18 -10.09 11.66
N SER B 371 7.03 -10.76 11.49
CA SER B 371 7.01 -12.19 11.28
C SER B 371 7.72 -12.58 9.99
N ILE B 372 7.49 -11.81 8.93
CA ILE B 372 8.16 -12.10 7.66
C ILE B 372 9.67 -11.96 7.84
N ALA B 373 10.09 -10.93 8.57
CA ALA B 373 11.51 -10.70 8.81
C ALA B 373 12.18 -11.79 9.65
N GLN B 374 11.41 -12.44 10.52
CA GLN B 374 11.94 -13.49 11.38
C GLN B 374 12.00 -14.86 10.71
N HIS B 375 11.11 -15.08 9.76
CA HIS B 375 11.01 -16.40 9.14
C HIS B 375 11.23 -16.56 7.65
N PHE B 376 12.24 -17.35 7.29
CA PHE B 376 12.53 -17.64 5.90
C PHE B 376 12.15 -19.09 5.65
N GLY B 377 11.55 -19.35 4.49
CA GLY B 377 11.16 -20.70 4.15
C GLY B 377 11.10 -20.84 2.63
N SER B 378 11.65 -21.93 2.12
CA SER B 378 11.65 -22.20 0.68
C SER B 378 11.92 -23.68 0.48
N GLY B 379 10.94 -24.41 -0.02
CA GLY B 379 11.12 -25.84 -0.21
C GLY B 379 11.19 -26.50 1.14
N ALA B 380 12.23 -27.29 1.38
CA ALA B 380 12.39 -27.96 2.67
C ALA B 380 13.29 -27.15 3.59
N MET B 381 13.75 -26.00 3.11
CA MET B 381 14.64 -25.14 3.89
C MET B 381 13.90 -24.12 4.75
N LEU B 382 14.25 -24.08 6.03
CA LEU B 382 13.66 -23.14 6.98
C LEU B 382 14.80 -22.51 7.76
N HIS B 383 14.83 -21.19 7.83
CA HIS B 383 15.87 -20.50 8.57
C HIS B 383 15.25 -19.31 9.30
N ASP B 384 15.31 -19.36 10.63
CA ASP B 384 14.76 -18.29 11.44
C ASP B 384 15.81 -17.36 11.98
N VAL B 385 15.47 -16.07 12.03
CA VAL B 385 16.36 -15.06 12.57
C VAL B 385 15.49 -14.21 13.48
N VAL B 386 15.39 -14.62 14.75
CA VAL B 386 14.58 -13.89 15.73
C VAL B 386 15.46 -12.98 16.56
N LEU B 387 15.38 -11.68 16.29
CA LEU B 387 16.18 -10.71 17.02
C LEU B 387 15.62 -10.50 18.42
N GLY B 388 16.51 -10.36 19.40
CA GLY B 388 16.09 -10.13 20.77
C GLY B 388 15.85 -11.38 21.60
N VAL B 389 15.01 -11.26 22.62
CA VAL B 389 14.70 -12.41 23.45
C VAL B 389 13.92 -13.40 22.60
N PRO B 390 14.11 -14.71 22.83
CA PRO B 390 13.45 -15.79 22.10
C PRO B 390 11.93 -15.65 22.00
N GLU B 391 11.32 -15.11 23.05
CA GLU B 391 9.88 -14.93 23.09
C GLU B 391 9.34 -13.97 22.04
N ASN B 392 10.24 -13.27 21.35
CA ASN B 392 9.83 -12.33 20.30
C ASN B 392 9.30 -13.06 19.06
N ALA B 393 9.63 -14.34 18.93
CA ALA B 393 9.19 -15.11 17.76
C ALA B 393 7.68 -15.12 17.59
N LEU B 394 7.23 -14.68 16.42
CA LEU B 394 5.80 -14.65 16.12
C LEU B 394 5.44 -15.87 15.28
N GLN B 395 4.13 -16.11 15.14
CA GLN B 395 3.68 -17.21 14.30
C GLN B 395 3.91 -16.74 12.87
N PRO B 396 4.13 -17.68 11.95
CA PRO B 396 4.35 -17.28 10.55
C PRO B 396 3.08 -16.79 9.86
N THR B 397 3.28 -16.03 8.79
CA THR B 397 2.15 -15.51 8.03
C THR B 397 2.37 -15.87 6.57
N HIS B 398 1.27 -16.12 5.85
CA HIS B 398 1.33 -16.47 4.43
C HIS B 398 1.51 -15.14 3.68
N PRO B 399 2.57 -15.04 2.85
CA PRO B 399 2.83 -13.80 2.10
C PRO B 399 1.78 -13.34 1.09
N VAL B 400 0.94 -14.26 0.64
CA VAL B 400 -0.10 -13.87 -0.31
C VAL B 400 -1.35 -13.33 0.38
N TYR B 401 -1.86 -14.09 1.35
CA TYR B 401 -3.09 -13.73 2.05
C TYR B 401 -2.95 -12.97 3.36
N ASN B 402 -1.77 -13.03 3.95
CA ASN B 402 -1.48 -12.42 5.24
C ASN B 402 -2.38 -12.92 6.37
N ILE B 403 -2.50 -14.24 6.45
CA ILE B 403 -3.18 -14.93 7.55
C ILE B 403 -2.27 -16.14 7.71
N GLY B 404 -2.36 -16.86 8.82
CA GLY B 404 -1.49 -18.00 9.03
C GLY B 404 -1.50 -19.03 7.90
N PRO B 405 -0.34 -19.60 7.54
CA PRO B 405 -0.26 -20.60 6.47
C PRO B 405 -1.16 -21.80 6.78
N ASP B 406 -1.28 -22.13 8.06
CA ASP B 406 -2.13 -23.24 8.49
C ASP B 406 -3.59 -22.89 8.16
N LYS B 407 -3.95 -21.63 8.39
CA LYS B 407 -5.30 -21.16 8.10
C LYS B 407 -5.59 -21.20 6.61
N VAL B 408 -4.60 -20.86 5.79
CA VAL B 408 -4.78 -20.88 4.34
C VAL B 408 -5.03 -22.31 3.87
N ILE B 409 -4.19 -23.24 4.30
CA ILE B 409 -4.34 -24.64 3.89
C ILE B 409 -5.69 -25.21 4.33
N GLN B 410 -6.07 -24.95 5.58
CA GLN B 410 -7.32 -25.46 6.11
C GLN B 410 -8.54 -24.91 5.35
N ALA B 411 -8.53 -23.61 5.07
CA ALA B 411 -9.64 -23.01 4.35
C ALA B 411 -9.71 -23.50 2.90
N THR B 412 -8.56 -23.47 2.21
CA THR B 412 -8.54 -23.90 0.82
C THR B 412 -8.99 -25.35 0.67
N THR B 413 -8.58 -26.19 1.60
CA THR B 413 -8.95 -27.61 1.57
C THR B 413 -10.45 -27.76 1.79
N TYR B 414 -10.99 -27.00 2.74
CA TYR B 414 -12.41 -27.06 3.05
C TYR B 414 -13.25 -26.66 1.84
N PHE B 415 -12.95 -25.50 1.26
CA PHE B 415 -13.71 -25.03 0.11
C PHE B 415 -13.50 -25.80 -1.18
N LEU B 416 -12.35 -26.46 -1.32
CA LEU B 416 -12.08 -27.25 -2.52
C LEU B 416 -13.03 -28.44 -2.59
N GLN B 417 -13.67 -28.75 -1.46
CA GLN B 417 -14.61 -29.86 -1.37
C GLN B 417 -15.98 -29.44 -1.89
N LYS B 418 -16.15 -28.15 -2.17
CA LYS B 418 -17.41 -27.64 -2.68
C LYS B 418 -17.25 -27.29 -4.15
N PRO B 419 -18.34 -27.36 -4.92
CA PRO B 419 -18.21 -27.04 -6.35
C PRO B 419 -18.15 -25.53 -6.57
N VAL B 420 -17.66 -25.13 -7.73
CA VAL B 420 -17.62 -23.71 -8.08
C VAL B 420 -19.10 -23.45 -8.38
N PRO B 421 -19.70 -22.45 -7.70
CA PRO B 421 -21.12 -22.09 -7.86
C PRO B 421 -21.68 -22.09 -9.28
N GLY B 422 -22.55 -23.06 -9.56
CA GLY B 422 -23.19 -23.16 -10.86
C GLY B 422 -22.26 -23.34 -12.04
N PHE B 423 -21.07 -23.87 -11.78
CA PHE B 423 -20.10 -24.05 -12.84
C PHE B 423 -19.36 -25.38 -12.79
N GLU B 424 -18.98 -25.88 -13.96
CA GLU B 424 -18.26 -27.13 -14.08
C GLU B 424 -17.24 -27.01 -15.20
N ASP C 1 -5.17 6.47 20.00
CA ASP C 1 -5.48 6.13 18.59
C ASP C 1 -6.02 7.35 17.85
N ASP C 2 -5.38 7.67 16.71
CA ASP C 2 -5.80 8.82 15.91
C ASP C 2 -5.91 8.40 14.45
N PRO C 3 -6.74 7.38 14.16
CA PRO C 3 -6.91 6.90 12.79
C PRO C 3 -7.47 7.95 11.83
N THR C 4 -8.07 9.00 12.38
CA THR C 4 -8.65 10.07 11.58
C THR C 4 -7.59 10.96 10.90
N ALA C 5 -6.44 11.10 11.55
CA ALA C 5 -5.37 11.94 11.01
C ALA C 5 -4.35 11.17 10.17
N SER C 6 -4.28 9.86 10.39
CA SER C 6 -3.34 9.01 9.66
C SER C 6 -3.60 9.04 8.15
N ALA C 7 -2.53 9.07 7.37
CA ALA C 7 -2.63 9.09 5.91
C ALA C 7 -2.63 7.67 5.36
N CYS C 8 -2.72 6.69 6.26
CA CYS C 8 -2.70 5.29 5.86
C CYS C 8 -4.07 4.65 5.69
N ASN C 9 -4.99 5.34 5.02
CA ASN C 9 -6.29 4.74 4.79
C ASN C 9 -6.15 3.87 3.55
N ILE C 10 -6.71 2.67 3.60
CA ILE C 10 -6.63 1.77 2.48
C ILE C 10 -7.99 1.54 1.86
N GLN C 11 -8.95 2.33 2.31
CA GLN C 11 -10.32 2.23 1.81
C GLN C 11 -11.02 3.60 1.88
#